data_6A7W
#
_entry.id   6A7W
#
_cell.length_a   46.443
_cell.length_b   82.296
_cell.length_c   79.914
_cell.angle_alpha   90.00
_cell.angle_beta   97.39
_cell.angle_gamma   90.00
#
_symmetry.space_group_name_H-M   'P 1 21 1'
#
loop_
_entity.id
_entity.type
_entity.pdbx_description
1 polymer 'Putative integral membrane protein'
2 non-polymer 'ZINC ION'
#
_entity_poly.entity_id   1
_entity_poly.type   'polypeptide(L)'
_entity_poly.pdbx_seq_one_letter_code
;TDTIYHAKDAVQTTKPSERKPRLVVFVVGETARADHVQFNGYGRETFPQLAKVDGLANFSQVTSCGTSTAYSVPCMFSYL
GQDDYDVDTAKYQENVLDTLDRLGVGILWRDNNSDSKGVMDKLPATQYFDYKSATNNTICNTNPYNECRDVGMLVGLDDY
VSANNGKDMLIMLHQMGNHGPAYFKRYDEQFAKFTPVCEGNELAKCEHQSLINAYDNALLATDDFIAKSIDWLKTHEANY
DVAMLYVSDHGESLGENGVYLHGMPNAFAPKEQRAVPAFFWSNNTTFKPTASDTVLTHDAITPTLLKLFDVTAGKVKDRA
AFIQ
;
_entity_poly.pdbx_strand_id   A,B
#
loop_
_chem_comp.id
_chem_comp.type
_chem_comp.name
_chem_comp.formula
ZN non-polymer 'ZINC ION' 'Zn 2'
#
# COMPACT_ATOMS: atom_id res chain seq x y z
N THR A 1 3.97 5.14 -27.72
CA THR A 1 2.88 5.06 -26.75
C THR A 1 3.42 5.31 -25.36
N ASP A 2 4.75 5.37 -25.26
CA ASP A 2 5.60 5.39 -24.04
C ASP A 2 5.82 3.96 -23.55
N THR A 3 5.36 2.96 -24.29
CA THR A 3 5.68 1.57 -24.03
C THR A 3 6.94 1.20 -24.81
N ILE A 4 7.85 0.49 -24.14
CA ILE A 4 9.06 -0.02 -24.76
C ILE A 4 8.82 -1.47 -25.13
N TYR A 5 8.93 -1.78 -26.42
CA TYR A 5 8.59 -3.11 -26.94
C TYR A 5 9.82 -4.00 -26.99
N HIS A 6 9.58 -5.31 -26.86
CA HIS A 6 10.63 -6.31 -26.96
C HIS A 6 10.29 -7.45 -27.91
N ALA A 7 9.02 -7.64 -28.27
CA ALA A 7 8.63 -8.77 -29.11
C ALA A 7 7.65 -8.34 -30.19
N LYS A 8 7.93 -7.22 -30.86
CA LYS A 8 7.10 -6.87 -32.01
C LYS A 8 7.25 -7.88 -33.14
N ASP A 9 8.34 -8.64 -33.15
CA ASP A 9 8.57 -9.69 -34.12
C ASP A 9 7.85 -11.00 -33.78
N ALA A 10 7.09 -11.03 -32.69
CA ALA A 10 6.46 -12.27 -32.25
C ALA A 10 5.36 -12.69 -33.20
N VAL A 11 5.30 -13.99 -33.48
CA VAL A 11 4.36 -14.55 -34.45
C VAL A 11 3.85 -15.88 -33.90
N GLN A 12 2.52 -16.06 -33.93
CA GLN A 12 1.90 -17.33 -33.58
C GLN A 12 1.94 -18.23 -34.82
N THR A 13 2.66 -19.35 -34.71
CA THR A 13 2.90 -20.17 -35.89
C THR A 13 1.67 -20.99 -36.28
N THR A 14 0.95 -21.53 -35.32
CA THR A 14 -0.32 -22.20 -35.56
C THR A 14 -1.40 -21.54 -34.73
N LYS A 15 -2.55 -21.28 -35.35
CA LYS A 15 -3.65 -20.51 -34.80
C LYS A 15 -4.73 -21.43 -34.26
N PRO A 16 -5.66 -20.89 -33.45
CA PRO A 16 -6.78 -21.70 -32.95
C PRO A 16 -7.53 -22.47 -34.03
N SER A 17 -7.86 -21.84 -35.15
CA SER A 17 -8.48 -22.56 -36.25
C SER A 17 -7.43 -23.00 -37.26
N GLU A 18 -6.37 -23.67 -36.72
CA GLU A 18 -5.56 -24.61 -37.48
C GLU A 18 -5.41 -25.92 -36.76
N ARG A 19 -5.52 -25.93 -35.43
CA ARG A 19 -5.33 -27.11 -34.61
C ARG A 19 -6.42 -27.08 -33.52
N LYS A 20 -6.21 -27.82 -32.46
CA LYS A 20 -7.14 -27.75 -31.33
C LYS A 20 -6.82 -26.52 -30.47
N PRO A 21 -7.81 -25.72 -30.09
CA PRO A 21 -7.52 -24.55 -29.24
C PRO A 21 -6.92 -24.96 -27.90
N ARG A 22 -6.20 -24.04 -27.29
CA ARG A 22 -5.44 -24.30 -26.07
C ARG A 22 -5.91 -23.40 -24.94
N LEU A 23 -6.17 -24.00 -23.78
CA LEU A 23 -6.64 -23.30 -22.58
C LEU A 23 -5.68 -23.60 -21.45
N VAL A 24 -5.12 -22.55 -20.85
CA VAL A 24 -4.05 -22.70 -19.86
C VAL A 24 -4.38 -21.89 -18.62
N VAL A 25 -4.07 -22.46 -17.45
CA VAL A 25 -4.16 -21.76 -16.18
C VAL A 25 -2.77 -21.59 -15.62
N PHE A 26 -2.36 -20.34 -15.42
CA PHE A 26 -1.14 -20.00 -14.70
C PHE A 26 -1.54 -19.54 -13.31
N VAL A 27 -1.20 -20.36 -12.31
CA VAL A 27 -1.45 -20.03 -10.92
C VAL A 27 -0.20 -19.38 -10.36
N VAL A 28 -0.31 -18.10 -10.00
CA VAL A 28 0.80 -17.37 -9.40
C VAL A 28 0.71 -17.55 -7.90
N GLY A 29 1.74 -18.16 -7.31
CA GLY A 29 1.75 -18.45 -5.90
C GLY A 29 2.39 -17.33 -5.09
N GLU A 30 2.40 -17.54 -3.77
CA GLU A 30 2.99 -16.61 -2.82
C GLU A 30 3.59 -17.40 -1.67
N THR A 31 4.83 -17.05 -1.30
CA THR A 31 5.46 -17.46 -0.05
C THR A 31 5.77 -18.96 0.00
N ALA A 32 5.46 -19.72 -1.05
CA ALA A 32 5.68 -21.17 -1.01
C ALA A 32 7.17 -21.50 -1.12
N ARG A 33 7.64 -22.38 -0.23
CA ARG A 33 9.04 -22.79 -0.19
C ARG A 33 9.21 -24.13 -0.90
N ALA A 34 10.25 -24.24 -1.72
CA ALA A 34 10.52 -25.50 -2.40
C ALA A 34 10.93 -26.59 -1.42
N ASP A 35 11.65 -26.25 -0.35
CA ASP A 35 12.10 -27.23 0.62
C ASP A 35 11.00 -27.69 1.56
N HIS A 36 9.78 -27.20 1.40
CA HIS A 36 8.63 -27.71 2.13
C HIS A 36 7.67 -28.45 1.19
N VAL A 37 8.20 -29.04 0.13
CA VAL A 37 7.44 -29.81 -0.82
C VAL A 37 7.95 -31.25 -0.77
N GLN A 38 7.03 -32.20 -0.62
CA GLN A 38 7.39 -33.61 -0.53
C GLN A 38 8.26 -34.03 -1.70
N PHE A 39 7.88 -33.64 -2.92
CA PHE A 39 8.63 -34.02 -4.12
C PHE A 39 10.09 -33.57 -4.05
N ASN A 40 10.38 -32.54 -3.26
CA ASN A 40 11.74 -32.02 -3.11
C ASN A 40 12.38 -32.50 -1.82
N GLY A 41 11.84 -33.55 -1.19
CA GLY A 41 12.46 -34.16 -0.03
C GLY A 41 11.89 -33.79 1.31
N TYR A 42 10.86 -32.95 1.36
CA TYR A 42 10.25 -32.60 2.64
C TYR A 42 9.59 -33.81 3.28
N GLY A 43 9.70 -33.90 4.61
CA GLY A 43 9.25 -35.05 5.36
C GLY A 43 7.77 -35.13 5.67
N ARG A 44 6.99 -34.12 5.30
CA ARG A 44 5.54 -34.15 5.42
C ARG A 44 4.91 -34.14 4.04
N GLU A 45 3.79 -34.84 3.90
CA GLU A 45 3.06 -34.86 2.63
C GLU A 45 2.19 -33.62 2.57
N THR A 46 2.76 -32.54 2.05
CA THR A 46 2.06 -31.26 1.99
C THR A 46 1.27 -31.07 0.71
N PHE A 47 1.50 -31.91 -0.30
CA PHE A 47 0.76 -31.84 -1.56
C PHE A 47 0.16 -33.20 -1.90
N PRO A 48 -0.68 -33.76 -1.01
CA PRO A 48 -1.13 -35.14 -1.23
C PRO A 48 -2.01 -35.30 -2.45
N GLN A 49 -2.74 -34.26 -2.84
CA GLN A 49 -3.63 -34.39 -4.00
C GLN A 49 -2.86 -34.36 -5.30
N LEU A 50 -1.86 -33.47 -5.41
CA LEU A 50 -1.02 -33.47 -6.61
C LEU A 50 -0.22 -34.75 -6.72
N ALA A 51 0.04 -35.42 -5.61
CA ALA A 51 0.78 -36.67 -5.63
C ALA A 51 0.03 -37.77 -6.38
N LYS A 52 -1.28 -37.63 -6.56
CA LYS A 52 -2.10 -38.63 -7.24
C LYS A 52 -2.48 -38.21 -8.65
N VAL A 53 -1.85 -37.18 -9.20
CA VAL A 53 -2.23 -36.64 -10.51
C VAL A 53 -1.26 -37.17 -11.56
N ASP A 54 -1.81 -37.83 -12.58
CA ASP A 54 -1.00 -38.34 -13.67
C ASP A 54 -0.50 -37.20 -14.55
N GLY A 55 0.74 -37.33 -15.01
CA GLY A 55 1.31 -36.34 -15.90
C GLY A 55 1.77 -35.05 -15.24
N LEU A 56 1.91 -35.04 -13.91
CA LEU A 56 2.29 -33.85 -13.19
C LEU A 56 3.80 -33.82 -13.02
N ALA A 57 4.44 -32.75 -13.53
CA ALA A 57 5.88 -32.59 -13.45
C ALA A 57 6.23 -31.57 -12.37
N ASN A 58 7.09 -31.98 -11.45
CA ASN A 58 7.61 -31.12 -10.40
C ASN A 58 9.02 -30.67 -10.77
N PHE A 59 9.35 -29.43 -10.39
CA PHE A 59 10.66 -28.86 -10.69
C PHE A 59 11.34 -28.47 -9.39
N SER A 60 12.51 -29.08 -9.13
CA SER A 60 13.16 -29.06 -7.83
C SER A 60 14.28 -28.04 -7.73
N GLN A 61 14.60 -27.31 -8.79
CA GLN A 61 15.76 -26.42 -8.79
C GLN A 61 15.40 -25.06 -9.38
N VAL A 62 14.29 -24.48 -8.92
CA VAL A 62 13.79 -23.21 -9.42
C VAL A 62 14.08 -22.12 -8.40
N THR A 63 14.62 -20.99 -8.87
CA THR A 63 14.96 -19.86 -8.04
C THR A 63 14.19 -18.63 -8.50
N SER A 64 13.71 -17.83 -7.55
CA SER A 64 12.85 -16.70 -7.85
C SER A 64 13.66 -15.47 -8.24
N CYS A 65 13.01 -14.57 -8.98
CA CYS A 65 13.64 -13.34 -9.42
C CYS A 65 13.95 -12.42 -8.25
N GLY A 66 12.99 -12.27 -7.34
CA GLY A 66 13.19 -11.46 -6.16
C GLY A 66 12.64 -12.13 -4.91
N THR A 67 12.49 -11.36 -3.83
CA THR A 67 12.06 -11.89 -2.55
C THR A 67 10.78 -11.24 -2.05
N SER A 68 9.95 -10.72 -2.95
CA SER A 68 8.80 -9.98 -2.49
C SER A 68 7.70 -10.02 -3.54
N THR A 69 6.47 -9.83 -3.09
CA THR A 69 5.34 -9.64 -4.00
C THR A 69 5.27 -8.20 -4.46
N ALA A 70 6.40 -7.61 -4.84
CA ALA A 70 6.33 -6.44 -5.68
C ALA A 70 7.40 -6.55 -6.75
N TYR A 71 8.44 -7.31 -6.45
CA TYR A 71 9.62 -7.38 -7.29
C TYR A 71 9.60 -8.58 -8.23
N SER A 72 9.08 -9.71 -7.77
CA SER A 72 9.18 -10.94 -8.54
C SER A 72 8.10 -11.05 -9.61
N VAL A 73 6.89 -10.57 -9.33
CA VAL A 73 5.75 -10.74 -10.24
C VAL A 73 5.99 -10.04 -11.58
N PRO A 74 6.35 -8.75 -11.62
CA PRO A 74 6.61 -8.14 -12.94
C PRO A 74 7.74 -8.82 -13.67
N CYS A 75 8.71 -9.37 -12.95
CA CYS A 75 9.81 -10.08 -13.56
C CYS A 75 9.37 -11.45 -14.09
N MET A 76 8.32 -12.02 -13.50
CA MET A 76 7.83 -13.33 -13.95
C MET A 76 7.24 -13.25 -15.35
N PHE A 77 6.71 -12.09 -15.73
CA PHE A 77 6.15 -11.88 -17.06
C PHE A 77 7.06 -11.02 -17.93
N SER A 78 8.23 -10.63 -17.44
CA SER A 78 9.12 -9.78 -18.19
C SER A 78 9.82 -10.56 -19.30
N TYR A 79 10.31 -9.82 -20.30
CA TYR A 79 11.13 -10.37 -21.36
C TYR A 79 12.62 -10.28 -21.08
N LEU A 80 13.01 -9.58 -20.02
CA LEU A 80 14.41 -9.17 -19.85
C LEU A 80 15.26 -10.22 -19.14
N GLY A 81 14.69 -10.98 -18.22
CA GLY A 81 15.50 -11.85 -17.39
C GLY A 81 16.03 -11.10 -16.18
N GLN A 82 16.18 -11.80 -15.04
CA GLN A 82 16.48 -11.12 -13.79
C GLN A 82 17.78 -10.33 -13.84
N ASP A 83 18.71 -10.71 -14.72
CA ASP A 83 19.95 -9.95 -14.85
C ASP A 83 19.68 -8.54 -15.35
N ASP A 84 18.98 -8.41 -16.49
CA ASP A 84 18.64 -7.12 -17.03
C ASP A 84 17.40 -6.49 -16.39
N TYR A 85 16.67 -7.26 -15.59
CA TYR A 85 15.40 -6.78 -15.04
C TYR A 85 15.61 -5.59 -14.12
N ASP A 86 14.90 -4.51 -14.40
CA ASP A 86 14.82 -3.36 -13.50
C ASP A 86 13.36 -3.18 -13.09
N VAL A 87 13.15 -2.98 -11.79
CA VAL A 87 11.78 -2.93 -11.27
C VAL A 87 11.18 -1.53 -11.41
N ASP A 88 12.01 -0.49 -11.35
CA ASP A 88 11.51 0.88 -11.46
C ASP A 88 10.85 1.14 -12.80
N THR A 89 11.32 0.47 -13.85
CA THR A 89 10.83 0.69 -15.20
C THR A 89 10.06 -0.51 -15.75
N ALA A 90 9.75 -1.50 -14.91
CA ALA A 90 9.09 -2.71 -15.39
C ALA A 90 7.67 -2.42 -15.89
N LYS A 91 6.95 -1.53 -15.19
CA LYS A 91 5.56 -1.23 -15.54
C LYS A 91 5.41 -0.83 -17.00
N TYR A 92 6.45 -0.25 -17.61
CA TYR A 92 6.35 0.32 -18.94
C TYR A 92 6.82 -0.61 -20.05
N GLN A 93 7.46 -1.72 -19.74
CA GLN A 93 7.95 -2.62 -20.78
C GLN A 93 6.83 -3.52 -21.28
N GLU A 94 6.88 -3.84 -22.58
CA GLU A 94 6.03 -4.90 -23.11
C GLU A 94 6.35 -6.21 -22.40
N ASN A 95 5.32 -6.88 -21.91
CA ASN A 95 5.48 -8.17 -21.25
C ASN A 95 4.76 -9.24 -22.04
N VAL A 96 4.90 -10.49 -21.57
CA VAL A 96 4.40 -11.64 -22.31
C VAL A 96 2.89 -11.58 -22.47
N LEU A 97 2.18 -11.00 -21.50
CA LEU A 97 0.73 -10.94 -21.58
C LEU A 97 0.29 -9.90 -22.61
N ASP A 98 1.01 -8.78 -22.71
CA ASP A 98 0.78 -7.84 -23.79
C ASP A 98 0.94 -8.52 -25.14
N THR A 99 2.04 -9.25 -25.32
CA THR A 99 2.31 -9.92 -26.59
C THR A 99 1.22 -10.93 -26.92
N LEU A 100 0.83 -11.75 -25.95
CA LEU A 100 -0.19 -12.77 -26.20
C LEU A 100 -1.53 -12.13 -26.52
N ASP A 101 -1.92 -11.08 -25.78
CA ASP A 101 -3.14 -10.35 -26.10
C ASP A 101 -3.10 -9.82 -27.53
N ARG A 102 -1.93 -9.34 -27.97
CA ARG A 102 -1.83 -8.84 -29.34
C ARG A 102 -2.07 -9.95 -30.36
N LEU A 103 -1.61 -11.16 -30.05
CA LEU A 103 -1.69 -12.29 -30.98
C LEU A 103 -3.01 -13.05 -30.89
N GLY A 104 -4.03 -12.49 -30.23
CA GLY A 104 -5.35 -13.06 -30.24
C GLY A 104 -5.69 -13.99 -29.11
N VAL A 105 -4.81 -14.18 -28.14
CA VAL A 105 -5.06 -15.05 -27.01
C VAL A 105 -5.78 -14.26 -25.93
N GLY A 106 -6.85 -14.83 -25.39
CA GLY A 106 -7.61 -14.16 -24.35
C GLY A 106 -6.87 -14.20 -23.03
N ILE A 107 -6.49 -13.05 -22.52
CA ILE A 107 -5.85 -12.94 -21.21
C ILE A 107 -6.94 -12.66 -20.17
N LEU A 108 -6.87 -13.35 -19.04
CA LEU A 108 -7.77 -13.06 -17.93
C LEU A 108 -7.00 -13.15 -16.62
N TRP A 109 -7.12 -12.13 -15.78
CA TRP A 109 -6.38 -12.06 -14.53
C TRP A 109 -7.36 -11.93 -13.37
N ARG A 110 -7.46 -12.99 -12.55
CA ARG A 110 -8.21 -12.92 -11.30
C ARG A 110 -7.23 -12.85 -10.14
N ASP A 111 -7.39 -11.85 -9.28
CA ASP A 111 -6.41 -11.55 -8.24
C ASP A 111 -7.08 -11.69 -6.87
N ASN A 112 -6.61 -12.65 -6.08
CA ASN A 112 -6.96 -12.78 -4.69
C ASN A 112 -5.78 -12.45 -3.78
N ASN A 113 -4.76 -11.76 -4.30
CA ASN A 113 -3.62 -11.47 -3.43
C ASN A 113 -3.46 -9.98 -3.14
N SER A 114 -2.93 -9.20 -4.10
CA SER A 114 -2.97 -7.75 -3.97
C SER A 114 -3.40 -7.03 -5.26
N ASP A 115 -2.56 -7.16 -6.29
CA ASP A 115 -2.76 -6.52 -7.60
C ASP A 115 -1.83 -7.12 -8.63
N SER A 116 -1.80 -6.70 -9.87
CA SER A 116 -0.92 -7.48 -10.73
C SER A 116 0.45 -6.91 -10.78
N LYS A 117 0.61 -5.83 -10.05
CA LYS A 117 1.83 -5.14 -9.98
C LYS A 117 2.02 -4.47 -11.26
N GLY A 118 0.96 -4.21 -12.03
CA GLY A 118 1.38 -3.51 -13.21
C GLY A 118 1.42 -4.35 -14.46
N VAL A 119 1.31 -5.68 -14.32
CA VAL A 119 1.41 -6.56 -15.48
C VAL A 119 0.20 -6.40 -16.40
N MET A 120 -0.98 -6.13 -15.83
CA MET A 120 -2.21 -6.01 -16.61
C MET A 120 -2.59 -4.57 -16.94
N ASP A 121 -1.71 -3.60 -16.64
CA ASP A 121 -2.09 -2.19 -16.79
C ASP A 121 -2.42 -1.83 -18.23
N LYS A 122 -1.61 -2.29 -19.19
CA LYS A 122 -1.85 -1.97 -20.59
C LYS A 122 -3.02 -2.70 -21.19
N LEU A 123 -3.71 -3.55 -20.42
CA LEU A 123 -4.83 -4.31 -20.95
C LEU A 123 -6.15 -3.71 -20.49
N PRO A 124 -7.23 -3.92 -21.24
CA PRO A 124 -8.53 -3.37 -20.86
C PRO A 124 -8.91 -3.77 -19.44
N ALA A 125 -9.59 -2.85 -18.74
CA ALA A 125 -9.96 -3.10 -17.34
C ALA A 125 -10.95 -4.23 -17.20
N THR A 126 -11.59 -4.65 -18.28
CA THR A 126 -12.52 -5.77 -18.24
C THR A 126 -11.83 -7.12 -18.11
N GLN A 127 -10.50 -7.17 -18.15
CA GLN A 127 -9.76 -8.41 -18.07
C GLN A 127 -9.07 -8.61 -16.73
N TYR A 128 -9.20 -7.65 -15.81
CA TYR A 128 -8.69 -7.78 -14.44
C TYR A 128 -9.87 -7.75 -13.49
N PHE A 129 -9.90 -8.69 -12.54
CA PHE A 129 -10.96 -8.78 -11.56
C PHE A 129 -10.35 -8.91 -10.17
N ASP A 130 -10.89 -8.15 -9.23
CA ASP A 130 -10.48 -8.23 -7.82
C ASP A 130 -11.30 -9.31 -7.14
N TYR A 131 -10.62 -10.38 -6.69
CA TYR A 131 -11.27 -11.46 -5.98
C TYR A 131 -10.91 -11.48 -4.49
N LYS A 132 -10.42 -10.37 -3.96
CA LYS A 132 -10.21 -10.25 -2.53
C LYS A 132 -11.47 -9.87 -1.77
N SER A 133 -12.45 -9.29 -2.46
CA SER A 133 -13.69 -8.86 -1.83
C SER A 133 -14.84 -9.73 -2.33
N ALA A 134 -15.86 -9.87 -1.47
CA ALA A 134 -17.03 -10.67 -1.80
C ALA A 134 -17.79 -10.16 -3.02
N THR A 135 -17.45 -8.97 -3.53
CA THR A 135 -18.08 -8.45 -4.74
C THR A 135 -18.00 -9.47 -5.87
N ASN A 136 -16.83 -10.05 -6.08
CA ASN A 136 -16.61 -11.07 -7.10
C ASN A 136 -16.42 -12.46 -6.53
N ASN A 137 -15.63 -12.61 -5.47
CA ASN A 137 -15.37 -13.91 -4.88
C ASN A 137 -16.58 -14.36 -4.08
N THR A 138 -17.18 -15.47 -4.50
CA THR A 138 -18.37 -15.98 -3.83
C THR A 138 -18.04 -16.72 -2.52
N ILE A 139 -16.78 -17.05 -2.28
CA ILE A 139 -16.41 -17.84 -1.12
C ILE A 139 -15.63 -16.97 -0.14
N CYS A 140 -16.33 -16.34 0.80
CA CYS A 140 -15.72 -15.49 1.81
C CYS A 140 -16.31 -15.69 3.19
N ASN A 141 -17.25 -16.62 3.37
CA ASN A 141 -17.92 -16.83 4.65
C ASN A 141 -17.72 -18.24 5.18
N THR A 142 -16.57 -18.84 4.88
CA THR A 142 -16.25 -20.19 5.32
C THR A 142 -15.27 -20.21 6.48
N ASN A 143 -14.87 -19.07 7.00
CA ASN A 143 -13.88 -18.97 8.06
C ASN A 143 -14.21 -17.77 8.94
N PRO A 144 -13.78 -17.78 10.21
CA PRO A 144 -14.16 -16.69 11.13
C PRO A 144 -13.41 -15.39 10.90
N TYR A 145 -12.48 -15.35 9.94
CA TYR A 145 -11.83 -14.11 9.54
C TYR A 145 -12.48 -13.50 8.30
N ASN A 146 -13.39 -14.23 7.66
CA ASN A 146 -14.15 -13.75 6.50
C ASN A 146 -13.22 -13.29 5.39
N GLU A 147 -12.12 -14.02 5.22
CA GLU A 147 -11.19 -13.79 4.13
C GLU A 147 -11.62 -14.60 2.92
N CYS A 148 -11.61 -13.99 1.75
CA CYS A 148 -12.05 -14.67 0.54
C CYS A 148 -10.99 -15.68 0.11
N ARG A 149 -11.45 -16.82 -0.40
CA ARG A 149 -10.61 -17.98 -0.61
C ARG A 149 -10.20 -18.15 -2.07
N ASP A 150 -9.03 -18.75 -2.27
CA ASP A 150 -8.47 -18.90 -3.61
C ASP A 150 -9.40 -19.69 -4.53
N VAL A 151 -10.08 -20.70 -3.99
CA VAL A 151 -10.97 -21.52 -4.82
C VAL A 151 -12.13 -20.71 -5.38
N GLY A 152 -12.46 -19.58 -4.75
CA GLY A 152 -13.45 -18.68 -5.32
C GLY A 152 -13.09 -18.21 -6.71
N MET A 153 -11.81 -18.22 -7.06
CA MET A 153 -11.39 -17.81 -8.39
C MET A 153 -11.81 -18.79 -9.48
N LEU A 154 -12.09 -20.05 -9.11
CA LEU A 154 -12.49 -21.03 -10.10
C LEU A 154 -13.97 -20.89 -10.49
N VAL A 155 -14.80 -20.36 -9.58
CA VAL A 155 -16.23 -20.28 -9.82
C VAL A 155 -16.51 -19.32 -10.97
N GLY A 156 -17.16 -19.83 -12.01
CA GLY A 156 -17.63 -19.00 -13.10
C GLY A 156 -16.67 -18.84 -14.25
N LEU A 157 -15.70 -19.74 -14.41
CA LEU A 157 -14.79 -19.67 -15.55
C LEU A 157 -15.35 -20.34 -16.79
N ASP A 158 -16.28 -21.29 -16.63
CA ASP A 158 -16.96 -21.89 -17.78
C ASP A 158 -17.63 -20.84 -18.66
N ASP A 159 -18.15 -19.77 -18.05
CA ASP A 159 -18.79 -18.73 -18.84
C ASP A 159 -17.78 -17.91 -19.61
N TYR A 160 -16.58 -17.72 -19.06
CA TYR A 160 -15.51 -17.07 -19.83
C TYR A 160 -15.10 -17.95 -21.01
N VAL A 161 -14.99 -19.26 -20.79
CA VAL A 161 -14.65 -20.15 -21.89
C VAL A 161 -15.76 -20.19 -22.93
N SER A 162 -17.02 -20.02 -22.51
CA SER A 162 -18.14 -20.02 -23.45
C SER A 162 -18.15 -18.75 -24.27
N ALA A 163 -18.05 -17.59 -23.61
CA ALA A 163 -18.07 -16.32 -24.33
C ALA A 163 -16.91 -16.24 -25.32
N ASN A 164 -15.75 -16.76 -24.94
CA ASN A 164 -14.61 -16.85 -25.86
C ASN A 164 -14.51 -18.25 -26.44
N ASN A 165 -15.52 -18.63 -27.23
CA ASN A 165 -15.59 -19.98 -27.77
C ASN A 165 -14.59 -20.16 -28.90
N GLY A 166 -13.77 -21.20 -28.82
CA GLY A 166 -12.79 -21.48 -29.85
C GLY A 166 -11.54 -20.65 -29.79
N LYS A 167 -11.31 -19.92 -28.71
CA LYS A 167 -10.17 -19.04 -28.57
C LYS A 167 -9.08 -19.71 -27.75
N ASP A 168 -7.82 -19.38 -28.07
CA ASP A 168 -6.73 -19.64 -27.15
C ASP A 168 -6.90 -18.78 -25.90
N MET A 169 -6.71 -19.39 -24.74
CA MET A 169 -7.02 -18.68 -23.50
C MET A 169 -5.95 -18.93 -22.45
N LEU A 170 -5.58 -17.86 -21.74
CA LEU A 170 -4.63 -17.90 -20.63
C LEU A 170 -5.25 -17.20 -19.44
N ILE A 171 -5.28 -17.90 -18.30
CA ILE A 171 -5.98 -17.45 -17.11
C ILE A 171 -4.99 -17.44 -15.95
N MET A 172 -4.65 -16.25 -15.47
CA MET A 172 -3.79 -16.09 -14.31
C MET A 172 -4.64 -16.01 -13.05
N LEU A 173 -4.36 -16.89 -12.10
CA LEU A 173 -5.01 -16.89 -10.79
C LEU A 173 -3.96 -16.51 -9.76
N HIS A 174 -4.09 -15.30 -9.21
CA HIS A 174 -3.12 -14.78 -8.24
C HIS A 174 -3.53 -15.23 -6.85
N GLN A 175 -2.79 -16.18 -6.30
CA GLN A 175 -3.15 -16.79 -5.03
C GLN A 175 -2.83 -15.88 -3.85
N MET A 176 -3.66 -15.97 -2.81
CA MET A 176 -3.25 -15.48 -1.51
C MET A 176 -2.22 -16.42 -0.88
N GLY A 177 -2.28 -17.71 -1.22
CA GLY A 177 -1.24 -18.66 -0.89
C GLY A 177 -0.84 -18.75 0.57
N ASN A 178 0.42 -18.46 0.86
CA ASN A 178 1.00 -18.62 2.18
C ASN A 178 1.46 -17.30 2.79
N HIS A 179 0.84 -16.22 2.36
CA HIS A 179 1.24 -14.90 2.78
C HIS A 179 1.08 -14.56 4.19
N GLY A 180 1.53 -13.35 4.44
CA GLY A 180 1.48 -12.58 5.65
C GLY A 180 2.02 -13.34 6.77
N PRO A 181 2.14 -12.65 7.95
CA PRO A 181 2.63 -13.44 9.06
C PRO A 181 1.58 -14.29 9.72
N ALA A 182 0.32 -13.94 9.55
CA ALA A 182 -0.80 -14.72 10.08
C ALA A 182 -1.12 -15.86 9.13
N TYR A 183 -0.27 -16.90 9.17
CA TYR A 183 -0.46 -18.05 8.32
C TYR A 183 -1.74 -18.81 8.68
N PHE A 184 -2.14 -18.76 9.96
CA PHE A 184 -3.31 -19.51 10.40
C PHE A 184 -4.60 -19.00 9.77
N LYS A 185 -4.58 -17.80 9.19
CA LYS A 185 -5.76 -17.28 8.50
C LYS A 185 -5.89 -17.78 7.08
N ARG A 186 -4.81 -18.34 6.50
CA ARG A 186 -4.75 -18.59 5.06
C ARG A 186 -5.51 -19.84 4.62
N TYR A 187 -6.04 -20.64 5.53
CA TYR A 187 -6.66 -21.90 5.17
C TYR A 187 -7.92 -22.14 6.00
N ASP A 188 -8.75 -23.04 5.51
CA ASP A 188 -10.01 -23.40 6.15
C ASP A 188 -9.85 -24.68 6.96
N GLU A 189 -10.82 -24.89 7.87
CA GLU A 189 -10.75 -25.98 8.84
C GLU A 189 -10.46 -27.33 8.18
N GLN A 190 -10.85 -27.49 6.91
CA GLN A 190 -10.57 -28.72 6.16
C GLN A 190 -9.08 -29.03 6.07
N PHE A 191 -8.21 -28.05 6.28
CA PHE A 191 -6.78 -28.23 6.09
C PHE A 191 -5.97 -28.06 7.38
N ALA A 192 -6.63 -27.96 8.53
CA ALA A 192 -5.93 -27.84 9.82
C ALA A 192 -5.46 -29.23 10.26
N LYS A 193 -4.48 -29.76 9.52
CA LYS A 193 -3.98 -31.11 9.76
C LYS A 193 -2.90 -31.16 10.84
N PHE A 194 -2.04 -30.18 10.80
CA PHE A 194 -0.93 -30.13 11.70
C PHE A 194 -1.19 -29.43 13.01
N THR A 195 -0.92 -29.93 14.19
CA THR A 195 -1.18 -29.01 15.33
C THR A 195 -0.21 -29.15 16.47
N PRO A 196 0.06 -28.09 17.34
CA PRO A 196 -0.66 -26.83 17.21
C PRO A 196 -0.15 -25.82 16.24
N VAL A 197 -0.73 -24.63 16.14
CA VAL A 197 -0.24 -23.66 15.23
C VAL A 197 -0.02 -22.39 15.97
N CYS A 198 0.59 -21.43 15.32
CA CYS A 198 0.78 -20.15 15.98
C CYS A 198 -0.31 -19.18 15.56
N GLU A 199 -0.97 -18.59 16.55
CA GLU A 199 -1.90 -17.48 16.34
C GLU A 199 -1.28 -16.13 16.65
N GLY A 200 0.01 -16.11 17.03
CA GLY A 200 0.57 -14.91 17.61
C GLY A 200 0.79 -13.82 16.58
N ASN A 201 0.75 -12.58 17.08
CA ASN A 201 1.12 -11.43 16.25
C ASN A 201 2.62 -11.41 15.97
N GLU A 202 3.42 -11.89 16.92
CA GLU A 202 4.87 -11.88 16.81
C GLU A 202 5.34 -13.30 16.52
N LEU A 203 5.93 -13.50 15.34
CA LEU A 203 6.45 -14.82 14.99
C LEU A 203 7.57 -15.24 15.92
N ALA A 204 8.40 -14.30 16.35
CA ALA A 204 9.52 -14.62 17.23
C ALA A 204 9.03 -15.24 18.54
N LYS A 205 7.81 -14.91 18.96
CA LYS A 205 7.26 -15.45 20.20
C LYS A 205 6.70 -16.86 20.02
N CYS A 206 6.35 -17.26 18.80
CA CYS A 206 5.81 -18.58 18.57
C CYS A 206 6.83 -19.66 18.92
N GLU A 207 6.33 -20.85 19.25
CA GLU A 207 7.14 -22.04 19.16
C GLU A 207 7.39 -22.34 17.69
N HIS A 208 8.61 -22.78 17.38
CA HIS A 208 8.99 -22.97 15.97
C HIS A 208 8.08 -23.97 15.28
N GLN A 209 7.80 -25.10 15.94
CA GLN A 209 6.99 -26.15 15.32
C GLN A 209 5.56 -25.66 15.04
N SER A 210 5.01 -24.79 15.89
CA SER A 210 3.68 -24.25 15.63
C SER A 210 3.66 -23.47 14.31
N LEU A 211 4.66 -22.61 14.12
CA LEU A 211 4.78 -21.87 12.87
C LEU A 211 4.90 -22.82 11.68
N ILE A 212 5.76 -23.84 11.81
CA ILE A 212 5.90 -24.82 10.74
C ILE A 212 4.57 -25.47 10.42
N ASN A 213 3.79 -25.80 11.46
CA ASN A 213 2.50 -26.46 11.24
C ASN A 213 1.53 -25.56 10.49
N ALA A 214 1.41 -24.29 10.92
CA ALA A 214 0.53 -23.37 10.20
C ALA A 214 0.93 -23.26 8.73
N TYR A 215 2.22 -23.02 8.47
CA TYR A 215 2.71 -22.93 7.11
C TYR A 215 2.33 -24.17 6.29
N ASP A 216 2.54 -25.36 6.85
CA ASP A 216 2.24 -26.59 6.12
C ASP A 216 0.76 -26.73 5.85
N ASN A 217 -0.09 -26.30 6.80
CA ASN A 217 -1.54 -26.30 6.55
C ASN A 217 -1.87 -25.43 5.34
N ALA A 218 -1.34 -24.21 5.31
CA ALA A 218 -1.58 -23.35 4.15
C ALA A 218 -1.09 -24.02 2.86
N LEU A 219 0.01 -24.76 2.94
CA LEU A 219 0.47 -25.51 1.77
C LEU A 219 -0.54 -26.58 1.37
N LEU A 220 -1.19 -27.21 2.34
CA LEU A 220 -2.26 -28.16 2.01
C LEU A 220 -3.38 -27.47 1.25
N ALA A 221 -3.80 -26.30 1.73
CA ALA A 221 -4.84 -25.55 1.02
C ALA A 221 -4.43 -25.27 -0.42
N THR A 222 -3.18 -24.84 -0.63
CA THR A 222 -2.70 -24.55 -1.98
C THR A 222 -2.72 -25.81 -2.85
N ASP A 223 -2.21 -26.93 -2.30
CA ASP A 223 -2.27 -28.21 -3.00
C ASP A 223 -3.68 -28.53 -3.48
N ASP A 224 -4.67 -28.36 -2.59
CA ASP A 224 -6.05 -28.60 -2.97
C ASP A 224 -6.49 -27.66 -4.10
N PHE A 225 -6.14 -26.38 -4.00
CA PHE A 225 -6.55 -25.43 -5.03
C PHE A 225 -5.98 -25.80 -6.39
N ILE A 226 -4.68 -26.12 -6.44
CA ILE A 226 -4.06 -26.55 -7.69
C ILE A 226 -4.76 -27.79 -8.24
N ALA A 227 -5.04 -28.76 -7.38
CA ALA A 227 -5.74 -29.97 -7.82
C ALA A 227 -7.09 -29.63 -8.44
N LYS A 228 -7.87 -28.77 -7.78
CA LYS A 228 -9.16 -28.37 -8.33
C LYS A 228 -9.01 -27.63 -9.65
N SER A 229 -7.93 -26.85 -9.80
CA SER A 229 -7.63 -26.25 -11.09
C SER A 229 -7.47 -27.33 -12.16
N ILE A 230 -6.68 -28.37 -11.84
CA ILE A 230 -6.43 -29.42 -12.83
C ILE A 230 -7.72 -30.14 -13.19
N ASP A 231 -8.57 -30.41 -12.20
CA ASP A 231 -9.85 -31.06 -12.50
C ASP A 231 -10.70 -30.18 -13.42
N TRP A 232 -10.80 -28.88 -13.10
CA TRP A 232 -11.54 -27.97 -13.95
C TRP A 232 -11.01 -27.99 -15.38
N LEU A 233 -9.69 -27.90 -15.54
CA LEU A 233 -9.08 -28.01 -16.86
C LEU A 233 -9.45 -29.34 -17.53
N LYS A 234 -9.62 -30.40 -16.74
CA LYS A 234 -10.03 -31.67 -17.32
C LYS A 234 -11.46 -31.63 -17.83
N THR A 235 -12.32 -30.82 -17.22
CA THR A 235 -13.68 -30.70 -17.75
C THR A 235 -13.72 -30.06 -19.14
N HIS A 236 -12.60 -29.55 -19.64
CA HIS A 236 -12.54 -28.97 -20.99
C HIS A 236 -11.61 -29.75 -21.92
N GLU A 237 -11.13 -30.92 -21.51
CA GLU A 237 -10.25 -31.73 -22.36
C GLU A 237 -10.85 -31.96 -23.74
N ALA A 238 -12.16 -32.19 -23.80
CA ALA A 238 -12.79 -32.58 -25.06
C ALA A 238 -12.62 -31.52 -26.14
N ASN A 239 -12.76 -30.24 -25.78
CA ASN A 239 -12.69 -29.17 -26.76
C ASN A 239 -11.32 -28.50 -26.84
N TYR A 240 -10.57 -28.45 -25.74
CA TYR A 240 -9.30 -27.73 -25.70
C TYR A 240 -8.16 -28.65 -25.29
N ASP A 241 -6.96 -28.28 -25.71
CA ASP A 241 -5.73 -28.81 -25.11
C ASP A 241 -5.39 -27.97 -23.88
N VAL A 242 -5.37 -28.62 -22.72
CA VAL A 242 -5.30 -27.90 -21.45
C VAL A 242 -3.94 -28.11 -20.80
N ALA A 243 -3.54 -27.12 -20.01
CA ALA A 243 -2.27 -27.18 -19.29
C ALA A 243 -2.35 -26.24 -18.07
N MET A 244 -1.53 -26.55 -17.07
CA MET A 244 -1.50 -25.79 -15.83
C MET A 244 -0.05 -25.57 -15.42
N LEU A 245 0.26 -24.35 -15.01
CA LEU A 245 1.60 -23.98 -14.55
C LEU A 245 1.50 -23.28 -13.21
N TYR A 246 2.26 -23.76 -12.23
CA TYR A 246 2.35 -23.14 -10.92
C TYR A 246 3.79 -22.72 -10.63
N VAL A 247 3.96 -21.44 -10.25
CA VAL A 247 5.20 -20.93 -9.71
C VAL A 247 4.86 -20.04 -8.53
N SER A 248 5.71 -20.04 -7.52
CA SER A 248 5.60 -19.12 -6.41
C SER A 248 6.47 -17.90 -6.68
N ASP A 249 5.99 -16.73 -6.22
CA ASP A 249 6.74 -15.50 -6.48
C ASP A 249 8.03 -15.44 -5.67
N HIS A 250 8.08 -16.08 -4.51
CA HIS A 250 9.30 -16.20 -3.72
C HIS A 250 9.06 -17.20 -2.60
N GLY A 251 10.06 -17.36 -1.75
CA GLY A 251 10.00 -18.24 -0.61
C GLY A 251 9.62 -17.53 0.66
N GLU A 252 10.15 -18.01 1.78
CA GLU A 252 9.86 -17.43 3.09
C GLU A 252 10.90 -17.91 4.08
N SER A 253 11.17 -17.07 5.07
CA SER A 253 12.00 -17.43 6.21
C SER A 253 11.12 -17.69 7.42
N LEU A 254 11.47 -18.72 8.20
CA LEU A 254 10.66 -19.19 9.31
C LEU A 254 11.49 -19.33 10.57
N GLY A 255 12.31 -18.32 10.86
CA GLY A 255 13.12 -18.31 12.07
C GLY A 255 14.56 -18.75 11.91
N GLU A 256 14.96 -19.20 10.72
CA GLU A 256 16.35 -19.58 10.49
C GLU A 256 17.26 -18.38 10.73
N ASN A 257 18.12 -18.49 11.74
CA ASN A 257 19.04 -17.40 12.13
C ASN A 257 18.26 -16.15 12.53
N GLY A 258 17.13 -16.34 13.21
CA GLY A 258 16.31 -15.24 13.64
C GLY A 258 15.62 -14.48 12.54
N VAL A 259 15.61 -15.00 11.32
CA VAL A 259 15.01 -14.32 10.17
C VAL A 259 13.59 -14.83 9.98
N TYR A 260 12.59 -13.94 9.86
CA TYR A 260 11.14 -14.32 9.81
C TYR A 260 9.95 -14.05 8.80
N LEU A 261 10.13 -13.44 7.65
CA LEU A 261 9.15 -13.01 6.66
C LEU A 261 10.03 -12.97 5.46
N HIS A 262 9.73 -12.18 4.45
CA HIS A 262 10.56 -12.12 3.27
C HIS A 262 10.86 -10.72 3.04
N GLY A 263 11.38 -10.37 1.90
CA GLY A 263 11.65 -8.96 1.66
C GLY A 263 13.11 -8.57 1.62
N MET A 264 14.02 -9.43 2.04
CA MET A 264 15.42 -9.05 2.08
C MET A 264 15.98 -8.89 0.66
N PRO A 265 16.87 -7.94 0.43
CA PRO A 265 17.47 -7.79 -0.90
C PRO A 265 18.24 -9.03 -1.32
N ASN A 266 18.24 -9.30 -2.63
CA ASN A 266 18.80 -10.54 -3.16
C ASN A 266 20.27 -10.73 -2.77
N ALA A 267 21.02 -9.64 -2.66
CA ALA A 267 22.44 -9.76 -2.32
C ALA A 267 22.65 -10.32 -0.91
N PHE A 268 21.66 -10.21 -0.03
CA PHE A 268 21.78 -10.71 1.33
C PHE A 268 20.66 -11.67 1.72
N ALA A 269 19.74 -11.99 0.82
CA ALA A 269 18.63 -12.85 1.16
C ALA A 269 19.10 -14.29 1.34
N PRO A 270 18.62 -14.99 2.37
CA PRO A 270 19.01 -16.39 2.55
C PRO A 270 18.40 -17.27 1.47
N LYS A 271 18.85 -18.54 1.47
CA LYS A 271 18.44 -19.46 0.42
C LYS A 271 16.93 -19.71 0.45
N GLU A 272 16.32 -19.70 1.64
CA GLU A 272 14.92 -20.09 1.76
C GLU A 272 13.98 -19.08 1.11
N GLN A 273 14.39 -17.82 1.01
CA GLN A 273 13.52 -16.78 0.46
C GLN A 273 13.49 -16.76 -1.06
N ARG A 274 14.27 -17.61 -1.73
CA ARG A 274 14.29 -17.64 -3.19
C ARG A 274 14.02 -19.01 -3.80
N ALA A 275 14.01 -20.08 -3.02
CA ALA A 275 13.70 -21.40 -3.54
C ALA A 275 12.19 -21.59 -3.59
N VAL A 276 11.65 -21.75 -4.79
CA VAL A 276 10.20 -21.84 -4.97
C VAL A 276 9.83 -23.13 -5.67
N PRO A 277 8.66 -23.69 -5.39
CA PRO A 277 8.19 -24.84 -6.17
C PRO A 277 7.61 -24.42 -7.51
N ALA A 278 7.75 -25.31 -8.49
CA ALA A 278 7.16 -25.11 -9.80
C ALA A 278 6.54 -26.44 -10.26
N PHE A 279 5.28 -26.37 -10.71
CA PHE A 279 4.58 -27.54 -11.19
C PHE A 279 4.05 -27.27 -12.59
N PHE A 280 4.01 -28.33 -13.40
CA PHE A 280 3.43 -28.22 -14.74
C PHE A 280 2.66 -29.50 -15.04
N TRP A 281 1.39 -29.35 -15.39
CA TRP A 281 0.55 -30.48 -15.77
C TRP A 281 -0.03 -30.26 -17.16
N SER A 282 -0.11 -31.33 -17.93
CA SER A 282 -0.73 -31.26 -19.25
C SER A 282 -1.49 -32.56 -19.47
N ASN A 283 -2.75 -32.45 -19.89
CA ASN A 283 -3.54 -33.61 -20.26
C ASN A 283 -2.88 -34.42 -21.36
N ASN A 284 -2.01 -33.79 -22.14
CA ASN A 284 -1.60 -34.31 -23.43
C ASN A 284 -0.09 -34.31 -23.53
N THR A 285 0.43 -35.27 -24.30
CA THR A 285 1.85 -35.30 -24.66
C THR A 285 2.17 -34.29 -25.75
N THR A 286 1.24 -33.37 -26.01
CA THR A 286 1.53 -32.20 -26.85
C THR A 286 2.82 -31.53 -26.38
N PHE A 287 2.91 -31.25 -25.08
CA PHE A 287 4.08 -30.63 -24.49
C PHE A 287 4.79 -31.64 -23.60
N LYS A 288 6.12 -31.64 -23.68
CA LYS A 288 6.94 -32.55 -22.87
C LYS A 288 7.85 -31.71 -21.98
N PRO A 289 7.70 -31.77 -20.67
CA PRO A 289 8.44 -30.87 -19.80
C PRO A 289 9.93 -31.21 -19.74
N THR A 290 10.72 -30.19 -19.40
CA THR A 290 12.15 -30.40 -19.19
C THR A 290 12.38 -31.32 -17.99
N ALA A 291 13.63 -31.74 -17.84
CA ALA A 291 13.98 -32.65 -16.75
C ALA A 291 13.68 -32.00 -15.40
N SER A 292 13.37 -32.85 -14.41
CA SER A 292 12.91 -32.36 -13.12
C SER A 292 13.93 -31.45 -12.46
N ASP A 293 15.19 -31.90 -12.37
CA ASP A 293 16.22 -31.19 -11.63
C ASP A 293 17.03 -30.23 -12.50
N THR A 294 16.46 -29.73 -13.59
CA THR A 294 17.11 -28.69 -14.36
C THR A 294 17.16 -27.38 -13.56
N VAL A 295 18.29 -26.70 -13.63
CA VAL A 295 18.47 -25.45 -12.89
C VAL A 295 17.74 -24.35 -13.63
N LEU A 296 16.69 -23.81 -13.01
CA LEU A 296 15.80 -22.85 -13.65
C LEU A 296 15.56 -21.67 -12.73
N THR A 297 15.06 -20.57 -13.32
CA THR A 297 14.68 -19.38 -12.60
C THR A 297 13.33 -18.90 -13.13
N HIS A 298 12.86 -17.76 -12.59
CA HIS A 298 11.65 -17.15 -13.11
C HIS A 298 11.78 -16.80 -14.60
N ASP A 299 13.01 -16.65 -15.11
CA ASP A 299 13.19 -16.37 -16.52
C ASP A 299 12.63 -17.46 -17.41
N ALA A 300 12.31 -18.63 -16.84
CA ALA A 300 11.72 -19.71 -17.62
C ALA A 300 10.23 -19.52 -17.87
N ILE A 301 9.58 -18.57 -17.19
CA ILE A 301 8.13 -18.44 -17.27
C ILE A 301 7.72 -17.91 -18.65
N THR A 302 8.29 -16.76 -19.05
CA THR A 302 7.88 -16.13 -20.31
C THR A 302 8.12 -17.03 -21.51
N PRO A 303 9.29 -17.68 -21.69
CA PRO A 303 9.40 -18.65 -22.77
C PRO A 303 8.32 -19.71 -22.73
N THR A 304 8.16 -20.37 -21.58
CA THR A 304 7.13 -21.40 -21.40
C THR A 304 5.80 -20.95 -21.98
N LEU A 305 5.26 -19.85 -21.44
CA LEU A 305 3.99 -19.32 -21.92
C LEU A 305 3.96 -19.23 -23.44
N LEU A 306 4.96 -18.59 -24.03
CA LEU A 306 5.00 -18.47 -25.49
C LEU A 306 4.98 -19.83 -26.15
N LYS A 307 5.86 -20.74 -25.69
CA LYS A 307 5.87 -22.09 -26.24
C LYS A 307 4.52 -22.76 -26.15
N LEU A 308 3.74 -22.44 -25.11
CA LEU A 308 2.43 -23.07 -24.96
C LEU A 308 1.49 -22.66 -26.09
N PHE A 309 1.55 -21.40 -26.51
CA PHE A 309 0.66 -20.91 -27.55
C PHE A 309 1.34 -20.86 -28.91
N ASP A 310 2.45 -21.59 -29.08
CA ASP A 310 3.14 -21.71 -30.37
C ASP A 310 3.50 -20.35 -30.93
N VAL A 311 4.09 -19.52 -30.07
CA VAL A 311 4.52 -18.17 -30.43
C VAL A 311 6.04 -18.17 -30.52
N THR A 312 6.56 -17.50 -31.55
CA THR A 312 8.00 -17.39 -31.77
C THR A 312 8.40 -15.92 -31.71
N ALA A 313 9.15 -15.56 -30.67
CA ALA A 313 9.78 -14.24 -30.57
C ALA A 313 11.28 -14.42 -30.55
N GLY A 314 12.00 -13.45 -31.13
CA GLY A 314 13.44 -13.60 -31.29
C GLY A 314 14.22 -13.52 -30.00
N LYS A 315 13.70 -12.79 -29.01
CA LYS A 315 14.47 -12.55 -27.79
C LYS A 315 14.63 -13.83 -26.98
N VAL A 316 13.62 -14.69 -26.97
CA VAL A 316 13.58 -15.79 -26.01
C VAL A 316 13.66 -17.15 -26.69
N LYS A 317 14.36 -17.23 -27.82
CA LYS A 317 14.67 -18.51 -28.42
C LYS A 317 15.98 -19.09 -27.92
N ASP A 318 16.69 -18.38 -27.04
CA ASP A 318 17.85 -18.89 -26.34
C ASP A 318 17.56 -19.21 -24.88
N ARG A 319 16.29 -19.18 -24.48
CA ARG A 319 15.92 -19.28 -23.08
C ARG A 319 15.50 -20.71 -22.72
N ALA A 320 15.82 -21.10 -21.49
CA ALA A 320 15.31 -22.35 -20.94
C ALA A 320 13.86 -22.16 -20.53
N ALA A 321 13.00 -23.07 -20.98
CA ALA A 321 11.59 -23.07 -20.61
C ALA A 321 11.28 -24.30 -19.77
N PHE A 322 10.05 -24.37 -19.27
CA PHE A 322 9.61 -25.53 -18.52
C PHE A 322 9.19 -26.69 -19.41
N ILE A 323 9.13 -26.49 -20.73
CA ILE A 323 8.75 -27.52 -21.68
C ILE A 323 9.73 -27.51 -22.85
N GLN A 324 9.72 -28.59 -23.62
CA GLN A 324 10.67 -28.75 -24.72
C GLN A 324 10.00 -28.80 -26.08
N THR B 1 6.92 -2.87 28.80
CA THR B 1 7.49 -1.53 28.74
C THR B 1 6.61 -0.55 29.49
N ASP B 2 5.41 -1.03 29.86
CA ASP B 2 4.24 -0.28 30.31
C ASP B 2 3.53 0.32 29.10
N THR B 3 3.95 -0.07 27.90
CA THR B 3 3.30 0.33 26.65
C THR B 3 2.29 -0.72 26.23
N ILE B 4 1.13 -0.26 25.76
CA ILE B 4 0.09 -1.13 25.23
C ILE B 4 0.17 -1.08 23.71
N TYR B 5 0.34 -2.24 23.08
CA TYR B 5 0.51 -2.33 21.64
C TYR B 5 -0.79 -2.65 20.94
N HIS B 6 -0.94 -2.14 19.71
CA HIS B 6 -2.09 -2.42 18.89
C HIS B 6 -1.76 -2.90 17.48
N ALA B 7 -0.50 -2.81 17.06
CA ALA B 7 -0.11 -3.12 15.69
C ALA B 7 1.18 -3.93 15.68
N LYS B 8 1.33 -4.86 16.62
CA LYS B 8 2.50 -5.74 16.59
C LYS B 8 2.46 -6.71 15.42
N ASP B 9 1.34 -6.81 14.71
CA ASP B 9 1.26 -7.60 13.49
C ASP B 9 1.68 -6.80 12.26
N ALA B 10 2.01 -5.52 12.41
CA ALA B 10 2.27 -4.67 11.26
C ALA B 10 3.53 -5.10 10.52
N VAL B 11 3.46 -5.04 9.19
CA VAL B 11 4.56 -5.42 8.31
C VAL B 11 4.57 -4.47 7.12
N GLN B 12 5.76 -3.97 6.78
CA GLN B 12 5.93 -3.16 5.58
C GLN B 12 6.09 -4.11 4.39
N THR B 13 5.08 -4.16 3.53
CA THR B 13 5.06 -5.17 2.47
C THR B 13 6.13 -4.92 1.41
N THR B 14 6.53 -3.67 1.21
CA THR B 14 7.60 -3.33 0.27
C THR B 14 8.52 -2.31 0.92
N LYS B 15 9.82 -2.52 0.75
CA LYS B 15 10.86 -1.72 1.39
C LYS B 15 11.45 -0.73 0.39
N PRO B 16 12.21 0.27 0.87
CA PRO B 16 12.82 1.22 -0.07
C PRO B 16 13.75 0.57 -1.09
N SER B 17 14.65 -0.32 -0.68
CA SER B 17 15.52 -0.95 -1.65
C SER B 17 14.81 -2.10 -2.33
N GLU B 18 13.55 -1.87 -2.73
CA GLU B 18 12.76 -2.79 -3.51
C GLU B 18 11.98 -2.00 -4.54
N ARG B 19 11.94 -0.68 -4.36
CA ARG B 19 11.11 0.24 -5.12
C ARG B 19 11.68 1.65 -4.94
N LYS B 20 10.87 2.65 -5.25
CA LYS B 20 11.30 4.03 -5.01
C LYS B 20 10.98 4.44 -3.58
N PRO B 21 11.93 5.03 -2.85
CA PRO B 21 11.66 5.42 -1.47
C PRO B 21 10.65 6.56 -1.40
N ARG B 22 9.98 6.66 -0.26
CA ARG B 22 8.88 7.59 -0.08
C ARG B 22 9.19 8.64 0.97
N LEU B 23 8.76 9.87 0.69
CA LEU B 23 9.01 11.03 1.53
C LEU B 23 7.70 11.79 1.67
N VAL B 24 7.18 11.87 2.89
CA VAL B 24 5.83 12.41 3.14
C VAL B 24 5.93 13.53 4.15
N VAL B 25 5.29 14.66 3.84
CA VAL B 25 5.15 15.77 4.77
C VAL B 25 3.70 15.79 5.25
N PHE B 26 3.52 15.70 6.57
CA PHE B 26 2.22 15.79 7.22
C PHE B 26 2.20 17.09 8.00
N VAL B 27 1.41 18.06 7.54
CA VAL B 27 1.26 19.34 8.23
C VAL B 27 0.05 19.26 9.14
N VAL B 28 0.28 19.44 10.44
CA VAL B 28 -0.78 19.38 11.43
C VAL B 28 -1.26 20.81 11.68
N GLY B 29 -2.44 21.15 11.17
CA GLY B 29 -2.96 22.49 11.28
C GLY B 29 -3.53 22.78 12.66
N GLU B 30 -3.95 24.02 12.84
CA GLU B 30 -4.50 24.50 14.10
C GLU B 30 -5.59 25.53 13.82
N THR B 31 -6.78 25.28 14.37
CA THR B 31 -7.87 26.27 14.42
C THR B 31 -8.46 26.58 13.04
N ALA B 32 -8.18 25.76 12.03
CA ALA B 32 -8.70 26.00 10.69
C ALA B 32 -10.12 25.46 10.54
N ARG B 33 -11.00 26.26 9.95
CA ARG B 33 -12.37 25.87 9.68
C ARG B 33 -12.53 25.47 8.22
N ALA B 34 -13.36 24.45 7.98
CA ALA B 34 -13.58 23.99 6.61
C ALA B 34 -14.48 24.94 5.82
N ASP B 35 -15.44 25.58 6.47
CA ASP B 35 -16.37 26.45 5.76
C ASP B 35 -15.75 27.79 5.36
N HIS B 36 -14.51 28.07 5.79
CA HIS B 36 -13.77 29.22 5.31
C HIS B 36 -12.77 28.84 4.22
N VAL B 37 -13.02 27.74 3.52
CA VAL B 37 -12.17 27.27 2.44
C VAL B 37 -12.96 27.38 1.14
N GLN B 38 -12.40 28.09 0.17
CA GLN B 38 -13.07 28.31 -1.12
C GLN B 38 -13.57 27.02 -1.74
N PHE B 39 -12.76 25.97 -1.70
CA PHE B 39 -13.16 24.68 -2.27
C PHE B 39 -14.47 24.19 -1.67
N ASN B 40 -14.71 24.48 -0.40
CA ASN B 40 -15.91 24.03 0.30
C ASN B 40 -17.05 25.04 0.24
N GLY B 41 -16.92 26.09 -0.57
CA GLY B 41 -18.00 27.02 -0.81
C GLY B 41 -17.81 28.43 -0.28
N TYR B 42 -16.72 28.69 0.43
CA TYR B 42 -16.51 30.03 0.98
C TYR B 42 -16.33 31.05 -0.13
N GLY B 43 -16.88 32.24 0.08
CA GLY B 43 -16.91 33.27 -0.95
C GLY B 43 -15.65 34.07 -1.11
N ARG B 44 -14.69 33.93 -0.21
CA ARG B 44 -13.38 34.55 -0.33
C ARG B 44 -12.36 33.49 -0.71
N GLU B 45 -11.36 33.90 -1.49
CA GLU B 45 -10.31 32.98 -1.94
C GLU B 45 -9.18 33.02 -0.90
N THR B 46 -9.30 32.15 0.11
CA THR B 46 -8.34 32.10 1.19
C THR B 46 -7.18 31.14 0.93
N PHE B 47 -7.29 30.27 -0.07
CA PHE B 47 -6.22 29.36 -0.45
C PHE B 47 -5.90 29.51 -1.94
N PRO B 48 -5.49 30.70 -2.37
CA PRO B 48 -5.31 30.92 -3.81
C PRO B 48 -4.15 30.14 -4.41
N GLN B 49 -3.13 29.83 -3.62
CA GLN B 49 -1.98 29.12 -4.16
C GLN B 49 -2.25 27.62 -4.28
N LEU B 50 -3.02 27.05 -3.36
CA LEU B 50 -3.41 25.64 -3.50
C LEU B 50 -4.34 25.44 -4.69
N ALA B 51 -5.07 26.49 -5.09
CA ALA B 51 -5.95 26.39 -6.25
C ALA B 51 -5.20 26.29 -7.56
N LYS B 52 -3.88 26.47 -7.56
CA LYS B 52 -3.08 26.45 -8.77
C LYS B 52 -2.19 25.21 -8.88
N VAL B 53 -2.41 24.20 -8.04
CA VAL B 53 -1.54 23.05 -7.95
C VAL B 53 -2.26 21.84 -8.52
N ASP B 54 -1.61 21.16 -9.47
CA ASP B 54 -2.13 19.90 -9.98
C ASP B 54 -1.95 18.80 -8.94
N GLY B 55 -2.87 17.84 -8.96
CA GLY B 55 -2.79 16.72 -8.05
C GLY B 55 -3.14 17.03 -6.62
N LEU B 56 -3.80 18.17 -6.37
CA LEU B 56 -4.19 18.58 -5.03
C LEU B 56 -5.64 18.19 -4.79
N ALA B 57 -5.87 17.37 -3.78
CA ALA B 57 -7.19 16.85 -3.44
C ALA B 57 -7.72 17.53 -2.19
N ASN B 58 -8.99 17.90 -2.22
CA ASN B 58 -9.69 18.55 -1.13
C ASN B 58 -10.76 17.61 -0.57
N PHE B 59 -11.03 17.74 0.72
CA PHE B 59 -12.00 16.89 1.41
C PHE B 59 -12.96 17.78 2.20
N SER B 60 -14.23 17.72 1.84
CA SER B 60 -15.22 18.68 2.32
C SER B 60 -16.09 18.17 3.46
N GLN B 61 -15.86 16.95 3.94
CA GLN B 61 -16.71 16.37 4.98
C GLN B 61 -15.86 15.70 6.06
N VAL B 62 -14.84 16.41 6.55
CA VAL B 62 -13.94 15.89 7.58
C VAL B 62 -14.35 16.46 8.93
N THR B 63 -14.40 15.59 9.94
CA THR B 63 -14.81 15.95 11.29
C THR B 63 -13.72 15.57 12.27
N SER B 64 -13.35 16.52 13.14
CA SER B 64 -12.21 16.32 14.02
C SER B 64 -12.58 15.50 15.25
N CYS B 65 -11.55 14.89 15.84
CA CYS B 65 -11.73 14.08 17.03
C CYS B 65 -12.23 14.92 18.20
N GLY B 66 -11.55 16.01 18.51
CA GLY B 66 -11.94 16.90 19.59
C GLY B 66 -11.94 18.37 19.20
N THR B 67 -11.88 19.26 20.19
CA THR B 67 -11.94 20.70 19.95
C THR B 67 -10.81 21.43 20.66
N SER B 68 -9.61 20.85 20.70
CA SER B 68 -8.49 21.50 21.35
C SER B 68 -7.18 20.87 20.90
N THR B 69 -6.11 21.66 20.86
CA THR B 69 -4.77 21.09 20.71
C THR B 69 -4.28 20.53 22.04
N ALA B 70 -5.10 19.70 22.66
CA ALA B 70 -4.62 18.70 23.60
C ALA B 70 -5.33 17.37 23.44
N TYR B 71 -6.54 17.37 22.88
CA TYR B 71 -7.38 16.18 22.74
C TYR B 71 -7.30 15.57 21.35
N SER B 72 -7.27 16.41 20.32
CA SER B 72 -7.33 15.96 18.94
C SER B 72 -6.00 15.40 18.47
N VAL B 73 -4.89 16.00 18.88
CA VAL B 73 -3.58 15.65 18.34
C VAL B 73 -3.18 14.22 18.69
N PRO B 74 -3.23 13.78 19.96
CA PRO B 74 -2.94 12.36 20.22
C PRO B 74 -3.91 11.42 19.53
N CYS B 75 -5.16 11.84 19.36
CA CYS B 75 -6.17 11.00 18.73
C CYS B 75 -5.93 10.85 17.23
N MET B 76 -5.32 11.86 16.59
CA MET B 76 -5.06 11.78 15.16
C MET B 76 -4.07 10.67 14.83
N PHE B 77 -3.11 10.41 15.72
CA PHE B 77 -2.14 9.36 15.53
C PHE B 77 -2.52 8.07 16.26
N SER B 78 -3.74 8.00 16.77
CA SER B 78 -4.16 6.87 17.59
C SER B 78 -4.65 5.71 16.73
N TYR B 79 -4.54 4.50 17.29
CA TYR B 79 -5.10 3.30 16.69
C TYR B 79 -6.52 3.02 17.14
N LEU B 80 -7.06 3.79 18.09
CA LEU B 80 -8.31 3.45 18.75
C LEU B 80 -9.54 4.03 18.05
N GLY B 81 -9.40 5.17 17.39
CA GLY B 81 -10.57 5.85 16.86
C GLY B 81 -11.28 6.64 17.94
N GLN B 82 -11.99 7.70 17.56
CA GLN B 82 -12.56 8.61 18.55
C GLN B 82 -13.64 7.96 19.40
N ASP B 83 -14.19 6.82 18.99
CA ASP B 83 -15.16 6.14 19.83
C ASP B 83 -14.46 5.52 21.05
N ASP B 84 -13.40 4.77 20.82
CA ASP B 84 -12.64 4.14 21.90
C ASP B 84 -11.51 5.01 22.43
N TYR B 85 -11.38 6.25 21.95
CA TYR B 85 -10.26 7.09 22.34
C TYR B 85 -10.49 7.68 23.72
N ASP B 86 -9.53 7.47 24.61
CA ASP B 86 -9.50 8.12 25.92
C ASP B 86 -8.20 8.91 26.03
N VAL B 87 -8.31 10.19 26.38
CA VAL B 87 -7.15 11.06 26.39
C VAL B 87 -6.28 10.82 27.62
N ASP B 88 -6.85 10.30 28.71
CA ASP B 88 -6.07 10.07 29.92
C ASP B 88 -5.02 8.99 29.71
N THR B 89 -5.27 8.04 28.81
CA THR B 89 -4.40 6.89 28.61
C THR B 89 -3.73 6.87 27.24
N ALA B 90 -3.89 7.94 26.45
CA ALA B 90 -3.37 7.93 25.08
C ALA B 90 -1.85 7.87 25.06
N LYS B 91 -1.19 8.52 26.03
CA LYS B 91 0.27 8.57 26.03
C LYS B 91 0.90 7.20 26.16
N TYR B 92 0.17 6.21 26.67
CA TYR B 92 0.72 4.88 26.93
C TYR B 92 0.26 3.84 25.90
N GLN B 93 -0.33 4.27 24.79
CA GLN B 93 -0.71 3.38 23.72
C GLN B 93 0.31 3.48 22.59
N GLU B 94 0.50 2.37 21.88
CA GLU B 94 1.24 2.43 20.63
C GLU B 94 0.47 3.30 19.63
N ASN B 95 1.16 4.26 19.04
CA ASN B 95 0.58 5.10 18.00
C ASN B 95 1.22 4.75 16.66
N VAL B 96 0.70 5.38 15.60
CA VAL B 96 1.15 5.04 14.25
C VAL B 96 2.61 5.43 14.05
N LEU B 97 3.09 6.47 14.76
CA LEU B 97 4.47 6.90 14.59
C LEU B 97 5.44 5.91 15.23
N ASP B 98 5.10 5.39 16.42
CA ASP B 98 5.90 4.31 17.00
C ASP B 98 5.99 3.13 16.04
N THR B 99 4.85 2.75 15.45
CA THR B 99 4.83 1.64 14.51
C THR B 99 5.72 1.90 13.31
N LEU B 100 5.57 3.07 12.69
CA LEU B 100 6.35 3.39 11.50
C LEU B 100 7.84 3.45 11.81
N ASP B 101 8.22 4.03 12.94
CA ASP B 101 9.63 4.06 13.33
C ASP B 101 10.16 2.65 13.55
N ARG B 102 9.35 1.77 14.15
CA ARG B 102 9.79 0.39 14.35
C ARG B 102 10.09 -0.31 13.03
N LEU B 103 9.35 0.02 11.98
CA LEU B 103 9.50 -0.62 10.68
C LEU B 103 10.57 0.04 9.80
N GLY B 104 11.40 0.92 10.37
CA GLY B 104 12.51 1.49 9.65
C GLY B 104 12.27 2.83 9.01
N VAL B 105 11.08 3.40 9.15
CA VAL B 105 10.80 4.72 8.60
C VAL B 105 11.42 5.78 9.49
N GLY B 106 12.10 6.74 8.88
CA GLY B 106 12.62 7.87 9.63
C GLY B 106 11.49 8.82 9.99
N ILE B 107 11.34 9.11 11.29
CA ILE B 107 10.31 10.00 11.78
C ILE B 107 10.98 11.32 12.17
N LEU B 108 10.34 12.44 11.83
CA LEU B 108 10.84 13.75 12.24
C LEU B 108 9.66 14.62 12.64
N TRP B 109 9.77 15.27 13.79
CA TRP B 109 8.71 16.16 14.29
C TRP B 109 9.29 17.54 14.52
N ARG B 110 8.86 18.51 13.72
CA ARG B 110 9.15 19.91 13.96
C ARG B 110 7.88 20.60 14.44
N ASP B 111 7.95 21.31 15.56
CA ASP B 111 6.78 21.89 16.20
C ASP B 111 6.95 23.39 16.31
N ASN B 112 6.07 24.14 15.66
CA ASN B 112 5.96 25.58 15.86
C ASN B 112 4.69 25.94 16.62
N ASN B 113 4.01 24.98 17.24
CA ASN B 113 2.74 25.26 17.90
C ASN B 113 2.85 25.10 19.43
N SER B 114 2.89 23.87 19.94
CA SER B 114 3.22 23.71 21.35
C SER B 114 4.21 22.59 21.64
N ASP B 115 3.76 21.36 21.43
CA ASP B 115 4.52 20.13 21.67
C ASP B 115 3.79 18.96 21.03
N SER B 116 4.34 17.77 21.24
CA SER B 116 3.77 16.59 20.64
C SER B 116 2.56 16.16 21.46
N LYS B 117 2.43 16.76 22.64
CA LYS B 117 1.45 16.39 23.61
C LYS B 117 1.75 14.97 24.00
N GLY B 118 2.87 14.41 23.52
CA GLY B 118 3.01 13.04 23.96
C GLY B 118 3.17 12.04 22.84
N VAL B 119 2.88 12.42 21.60
CA VAL B 119 2.92 11.47 20.48
C VAL B 119 4.34 10.98 20.25
N MET B 120 5.33 11.87 20.38
CA MET B 120 6.72 11.53 20.15
C MET B 120 7.45 11.07 21.39
N ASP B 121 6.75 10.89 22.52
CA ASP B 121 7.43 10.66 23.78
C ASP B 121 8.21 9.35 23.80
N LYS B 122 7.78 8.36 23.03
CA LYS B 122 8.50 7.09 23.00
C LYS B 122 9.66 7.09 22.01
N LEU B 123 9.78 8.13 21.16
CA LEU B 123 10.83 8.19 20.16
C LEU B 123 11.98 9.07 20.65
N PRO B 124 13.19 8.81 20.14
CA PRO B 124 14.37 9.56 20.61
C PRO B 124 14.16 11.07 20.56
N ALA B 125 14.78 11.76 21.52
CA ALA B 125 14.67 13.21 21.61
C ALA B 125 15.29 13.91 20.41
N THR B 126 16.14 13.21 19.64
CA THR B 126 16.75 13.78 18.46
C THR B 126 15.79 13.89 17.29
N GLN B 127 14.58 13.34 17.40
CA GLN B 127 13.60 13.38 16.33
C GLN B 127 12.48 14.38 16.60
N TYR B 128 12.54 15.12 17.70
CA TYR B 128 11.63 16.22 17.98
C TYR B 128 12.43 17.49 18.11
N PHE B 129 11.97 18.57 17.49
CA PHE B 129 12.64 19.86 17.53
C PHE B 129 11.63 20.97 17.80
N ASP B 130 11.99 21.88 18.70
CA ASP B 130 11.15 23.03 19.03
C ASP B 130 11.48 24.15 18.06
N TYR B 131 10.48 24.57 17.28
CA TYR B 131 10.64 25.66 16.32
C TYR B 131 9.84 26.89 16.69
N LYS B 132 9.44 27.02 17.96
CA LYS B 132 8.81 28.23 18.44
C LYS B 132 9.82 29.31 18.81
N SER B 133 11.10 28.97 18.92
CA SER B 133 12.12 29.91 19.36
C SER B 133 13.21 30.04 18.30
N ALA B 134 13.93 31.17 18.35
CA ALA B 134 15.03 31.41 17.43
C ALA B 134 16.18 30.45 17.59
N THR B 135 16.19 29.63 18.66
CA THR B 135 17.20 28.61 18.81
C THR B 135 17.27 27.72 17.57
N ASN B 136 16.11 27.34 17.05
CA ASN B 136 16.01 26.53 15.83
C ASN B 136 15.38 27.28 14.67
N ASN B 137 14.22 27.91 14.88
CA ASN B 137 13.52 28.59 13.81
C ASN B 137 14.30 29.82 13.36
N THR B 138 14.70 29.83 12.08
CA THR B 138 15.51 30.90 11.51
C THR B 138 14.67 32.11 11.10
N ILE B 139 13.35 31.99 11.06
CA ILE B 139 12.50 33.09 10.60
C ILE B 139 11.65 33.58 11.77
N CYS B 140 12.16 34.57 12.51
CA CYS B 140 11.46 35.10 13.67
C CYS B 140 11.46 36.63 13.74
N ASN B 141 12.19 37.32 12.88
CA ASN B 141 12.29 38.77 12.93
C ASN B 141 11.54 39.45 11.79
N THR B 142 10.57 38.77 11.19
CA THR B 142 9.83 39.31 10.06
C THR B 142 8.59 40.11 10.47
N ASN B 143 8.37 40.31 11.77
CA ASN B 143 7.15 40.97 12.24
C ASN B 143 7.47 41.68 13.54
N PRO B 144 6.67 42.70 13.91
CA PRO B 144 6.97 43.45 15.15
C PRO B 144 6.72 42.66 16.42
N TYR B 145 6.17 41.45 16.34
CA TYR B 145 5.93 40.62 17.52
C TYR B 145 7.03 39.60 17.74
N ASN B 146 8.01 39.52 16.84
CA ASN B 146 9.12 38.58 16.92
C ASN B 146 8.65 37.13 17.04
N GLU B 147 7.48 36.84 16.49
CA GLU B 147 6.97 35.48 16.48
C GLU B 147 7.62 34.71 15.33
N CYS B 148 8.00 33.46 15.61
CA CYS B 148 8.60 32.61 14.59
C CYS B 148 7.51 32.05 13.69
N ARG B 149 7.82 31.91 12.41
CA ARG B 149 6.83 31.58 11.40
C ARG B 149 6.92 30.12 10.97
N ASP B 150 5.78 29.62 10.48
CA ASP B 150 5.69 28.22 10.07
C ASP B 150 6.74 27.88 9.01
N VAL B 151 6.97 28.79 8.07
CA VAL B 151 7.88 28.53 6.97
C VAL B 151 9.30 28.25 7.45
N GLY B 152 9.65 28.74 8.64
CA GLY B 152 10.95 28.43 9.21
C GLY B 152 11.20 26.94 9.39
N MET B 153 10.12 26.15 9.51
CA MET B 153 10.26 24.71 9.64
C MET B 153 10.71 24.04 8.35
N LEU B 154 10.67 24.74 7.21
CA LEU B 154 11.12 24.18 5.95
C LEU B 154 12.62 24.33 5.74
N VAL B 155 13.26 25.26 6.46
CA VAL B 155 14.67 25.54 6.26
C VAL B 155 15.50 24.39 6.83
N GLY B 156 16.24 23.71 5.95
CA GLY B 156 17.19 22.71 6.38
C GLY B 156 16.71 21.28 6.37
N LEU B 157 15.55 20.99 5.76
CA LEU B 157 15.09 19.61 5.69
C LEU B 157 15.88 18.80 4.66
N ASP B 158 16.47 19.49 3.67
CA ASP B 158 17.40 18.83 2.76
C ASP B 158 18.47 18.06 3.51
N ASP B 159 18.92 18.61 4.64
CA ASP B 159 19.95 17.94 5.43
C ASP B 159 19.42 16.65 6.06
N TYR B 160 18.17 16.67 6.54
CA TYR B 160 17.57 15.43 7.05
C TYR B 160 17.48 14.39 5.94
N VAL B 161 17.08 14.81 4.74
CA VAL B 161 17.02 13.87 3.61
C VAL B 161 18.40 13.29 3.32
N SER B 162 19.43 14.15 3.28
CA SER B 162 20.79 13.66 3.04
C SER B 162 21.22 12.69 4.12
N ALA B 163 20.92 13.01 5.39
CA ALA B 163 21.28 12.14 6.51
C ALA B 163 20.49 10.84 6.51
N ASN B 164 19.40 10.75 5.76
CA ASN B 164 18.63 9.52 5.64
C ASN B 164 18.47 9.14 4.18
N ASN B 165 19.58 9.16 3.44
CA ASN B 165 19.57 8.89 2.01
C ASN B 165 18.98 7.52 1.71
N GLY B 166 18.01 7.48 0.81
CA GLY B 166 17.38 6.25 0.38
C GLY B 166 16.36 5.66 1.33
N LYS B 167 16.09 6.31 2.46
CA LYS B 167 15.17 5.79 3.44
C LYS B 167 13.76 6.34 3.22
N ASP B 168 12.78 5.66 3.81
CA ASP B 168 11.44 6.20 3.92
C ASP B 168 11.40 7.24 5.03
N MET B 169 10.68 8.33 4.79
CA MET B 169 10.70 9.46 5.70
C MET B 169 9.30 10.05 5.87
N LEU B 170 8.93 10.30 7.13
CA LEU B 170 7.71 10.99 7.49
C LEU B 170 8.06 12.19 8.34
N ILE B 171 7.59 13.37 7.93
CA ILE B 171 7.95 14.64 8.56
C ILE B 171 6.67 15.34 8.99
N MET B 172 6.45 15.43 10.30
CA MET B 172 5.33 16.18 10.86
C MET B 172 5.74 17.62 11.11
N LEU B 173 4.99 18.56 10.54
CA LEU B 173 5.19 19.98 10.76
C LEU B 173 3.96 20.51 11.50
N HIS B 174 4.15 20.84 12.78
CA HIS B 174 3.06 21.28 13.64
C HIS B 174 2.91 22.79 13.51
N GLN B 175 1.79 23.22 12.95
CA GLN B 175 1.58 24.61 12.58
C GLN B 175 1.13 25.44 13.77
N MET B 176 1.59 26.69 13.82
CA MET B 176 0.92 27.67 14.66
C MET B 176 -0.45 28.02 14.07
N GLY B 177 -0.52 28.14 12.74
CA GLY B 177 -1.81 28.21 12.06
C GLY B 177 -2.62 29.42 12.47
N ASN B 178 -3.89 29.16 12.78
CA ASN B 178 -4.86 30.20 13.11
C ASN B 178 -5.16 30.27 14.61
N HIS B 179 -4.16 30.02 15.42
CA HIS B 179 -4.29 30.03 16.84
C HIS B 179 -4.63 31.32 17.46
N GLY B 180 -4.68 31.27 18.79
CA GLY B 180 -4.93 32.38 19.68
C GLY B 180 -5.94 33.43 19.32
N PRO B 181 -6.49 34.10 20.42
CA PRO B 181 -7.46 35.14 20.06
C PRO B 181 -6.76 36.21 19.25
N ALA B 182 -5.43 36.23 19.31
CA ALA B 182 -4.68 37.23 18.55
C ALA B 182 -4.38 36.68 17.15
N TYR B 183 -5.43 36.62 16.32
CA TYR B 183 -5.25 36.16 14.95
C TYR B 183 -4.39 37.12 14.15
N PHE B 184 -4.43 38.41 14.48
CA PHE B 184 -3.66 39.40 13.73
C PHE B 184 -2.16 39.19 13.86
N LYS B 185 -1.72 38.43 14.85
CA LYS B 185 -0.30 38.14 15.02
C LYS B 185 0.15 36.90 14.26
N ARG B 186 -0.76 36.15 13.67
CA ARG B 186 -0.42 34.85 13.07
C ARG B 186 0.17 34.96 11.68
N TYR B 187 0.18 36.15 11.07
CA TYR B 187 0.62 36.29 9.69
C TYR B 187 1.45 37.56 9.54
N ASP B 188 2.15 37.64 8.41
CA ASP B 188 3.02 38.76 8.10
C ASP B 188 2.29 39.77 7.22
N GLU B 189 3.00 40.86 6.91
CA GLU B 189 2.41 41.96 6.15
C GLU B 189 2.01 41.53 4.75
N GLN B 190 2.78 40.61 4.15
CA GLN B 190 2.48 40.11 2.81
C GLN B 190 1.04 39.59 2.70
N PHE B 191 0.49 39.06 3.79
CA PHE B 191 -0.82 38.43 3.78
C PHE B 191 -1.91 39.30 4.40
N ALA B 192 -1.65 40.60 4.58
CA ALA B 192 -2.65 41.52 5.14
C ALA B 192 -3.58 41.99 4.03
N LYS B 193 -4.35 41.03 3.50
CA LYS B 193 -5.21 41.27 2.34
C LYS B 193 -6.58 41.81 2.73
N PHE B 194 -7.21 41.26 3.75
CA PHE B 194 -8.55 41.64 4.16
C PHE B 194 -8.47 42.64 5.30
N THR B 195 -9.07 43.81 5.11
CA THR B 195 -9.07 44.86 6.12
C THR B 195 -10.46 45.48 6.28
N PRO B 196 -10.80 46.12 7.49
CA PRO B 196 -9.77 46.15 8.54
C PRO B 196 -9.72 44.85 9.33
N VAL B 197 -8.83 44.78 10.32
CA VAL B 197 -8.70 43.59 11.14
C VAL B 197 -8.82 44.00 12.60
N CYS B 198 -9.27 43.07 13.43
CA CYS B 198 -9.35 43.34 14.86
C CYS B 198 -7.97 43.15 15.48
N GLU B 199 -7.59 44.10 16.34
CA GLU B 199 -6.35 44.04 17.10
C GLU B 199 -6.61 43.92 18.60
N GLY B 200 -7.78 43.37 18.97
CA GLY B 200 -8.22 43.44 20.33
C GLY B 200 -7.87 42.23 21.18
N ASN B 201 -7.99 42.41 22.49
CA ASN B 201 -7.81 41.31 23.44
C ASN B 201 -9.10 40.50 23.59
N GLU B 202 -10.24 41.18 23.59
CA GLU B 202 -11.54 40.57 23.80
C GLU B 202 -12.28 40.53 22.47
N LEU B 203 -12.52 39.31 21.96
CA LEU B 203 -13.10 39.16 20.63
C LEU B 203 -14.51 39.73 20.56
N ALA B 204 -15.28 39.58 21.65
CA ALA B 204 -16.65 40.09 21.65
C ALA B 204 -16.70 41.59 21.40
N LYS B 205 -15.66 42.32 21.79
CA LYS B 205 -15.59 43.75 21.54
C LYS B 205 -15.25 44.09 20.09
N CYS B 206 -14.66 43.15 19.35
CA CYS B 206 -14.33 43.38 17.96
C CYS B 206 -15.58 43.68 17.13
N GLU B 207 -15.36 44.29 15.96
CA GLU B 207 -16.36 44.27 14.91
C GLU B 207 -16.23 42.94 14.18
N HIS B 208 -17.37 42.29 13.94
CA HIS B 208 -17.37 40.92 13.42
C HIS B 208 -16.53 40.81 12.16
N GLN B 209 -16.67 41.78 11.24
CA GLN B 209 -15.97 41.71 9.97
C GLN B 209 -14.46 41.81 10.15
N SER B 210 -13.99 42.58 11.13
CA SER B 210 -12.55 42.67 11.36
C SER B 210 -12.00 41.34 11.86
N LEU B 211 -12.74 40.66 12.74
CA LEU B 211 -12.33 39.34 13.20
C LEU B 211 -12.26 38.35 12.03
N ILE B 212 -13.31 38.32 11.20
CA ILE B 212 -13.30 37.45 10.04
C ILE B 212 -12.12 37.77 9.13
N ASN B 213 -11.81 39.06 8.97
CA ASN B 213 -10.68 39.45 8.13
C ASN B 213 -9.37 38.91 8.68
N ALA B 214 -9.14 39.08 9.99
CA ALA B 214 -7.92 38.56 10.59
C ALA B 214 -7.81 37.05 10.38
N TYR B 215 -8.90 36.33 10.65
CA TYR B 215 -8.89 34.88 10.49
C TYR B 215 -8.54 34.48 9.05
N ASP B 216 -9.15 35.16 8.07
CA ASP B 216 -8.88 34.79 6.68
C ASP B 216 -7.47 35.15 6.25
N ASN B 217 -6.90 36.22 6.82
CA ASN B 217 -5.50 36.54 6.53
C ASN B 217 -4.58 35.44 7.05
N ALA B 218 -4.79 35.01 8.29
CA ALA B 218 -4.01 33.88 8.81
C ALA B 218 -4.19 32.65 7.92
N LEU B 219 -5.41 32.44 7.40
CA LEU B 219 -5.63 31.36 6.45
C LEU B 219 -4.77 31.52 5.20
N LEU B 220 -4.65 32.75 4.69
CA LEU B 220 -3.76 32.99 3.57
C LEU B 220 -2.33 32.57 3.91
N ALA B 221 -1.87 32.90 5.12
CA ALA B 221 -0.54 32.47 5.53
C ALA B 221 -0.42 30.94 5.51
N THR B 222 -1.43 30.24 6.00
CA THR B 222 -1.41 28.78 5.98
C THR B 222 -1.34 28.25 4.55
N ASP B 223 -2.17 28.80 3.67
CA ASP B 223 -2.15 28.43 2.25
C ASP B 223 -0.74 28.56 1.66
N ASP B 224 -0.09 29.70 1.92
CA ASP B 224 1.27 29.89 1.43
C ASP B 224 2.21 28.84 1.99
N PHE B 225 2.12 28.56 3.30
CA PHE B 225 3.02 27.57 3.91
C PHE B 225 2.86 26.20 3.26
N ILE B 226 1.62 25.79 3.02
CA ILE B 226 1.39 24.48 2.39
C ILE B 226 1.93 24.47 0.96
N ALA B 227 1.71 25.56 0.21
CA ALA B 227 2.26 25.63 -1.14
C ALA B 227 3.77 25.49 -1.14
N LYS B 228 4.45 26.13 -0.19
CA LYS B 228 5.91 26.01 -0.13
C LYS B 228 6.33 24.61 0.31
N SER B 229 5.54 23.94 1.16
CA SER B 229 5.83 22.55 1.47
C SER B 229 5.78 21.69 0.21
N ILE B 230 4.74 21.89 -0.62
CA ILE B 230 4.64 21.11 -1.85
C ILE B 230 5.81 21.41 -2.78
N ASP B 231 6.21 22.68 -2.87
CA ASP B 231 7.39 23.01 -3.67
C ASP B 231 8.61 22.25 -3.17
N TRP B 232 8.86 22.28 -1.86
CA TRP B 232 10.02 21.59 -1.32
C TRP B 232 9.97 20.10 -1.65
N LEU B 233 8.81 19.47 -1.48
CA LEU B 233 8.69 18.06 -1.86
C LEU B 233 8.97 17.85 -3.34
N LYS B 234 8.54 18.81 -4.19
CA LYS B 234 8.82 18.69 -5.61
C LYS B 234 10.32 18.72 -5.89
N THR B 235 11.09 19.43 -5.07
CA THR B 235 12.53 19.36 -5.29
C THR B 235 13.12 17.97 -4.99
N HIS B 236 12.30 16.99 -4.62
CA HIS B 236 12.76 15.63 -4.39
C HIS B 236 11.97 14.60 -5.20
N GLU B 237 11.33 15.03 -6.28
CA GLU B 237 10.45 14.14 -7.04
C GLU B 237 11.22 13.00 -7.70
N ALA B 238 12.41 13.28 -8.22
CA ALA B 238 13.11 12.28 -9.03
C ALA B 238 13.61 11.11 -8.19
N ASN B 239 14.03 11.38 -6.95
CA ASN B 239 14.54 10.30 -6.10
C ASN B 239 13.44 9.64 -5.27
N TYR B 240 12.45 10.41 -4.82
CA TYR B 240 11.44 9.91 -3.91
C TYR B 240 10.04 10.07 -4.48
N ASP B 241 9.16 9.14 -4.15
CA ASP B 241 7.73 9.34 -4.31
C ASP B 241 7.24 10.19 -3.15
N VAL B 242 6.79 11.40 -3.46
CA VAL B 242 6.48 12.41 -2.45
C VAL B 242 4.96 12.58 -2.36
N ALA B 243 4.52 13.02 -1.18
CA ALA B 243 3.11 13.28 -0.92
C ALA B 243 3.01 14.23 0.26
N MET B 244 1.92 15.00 0.29
CA MET B 244 1.69 15.98 1.36
C MET B 244 0.29 15.79 1.89
N LEU B 245 0.16 15.79 3.22
CA LEU B 245 -1.12 15.64 3.89
C LEU B 245 -1.33 16.80 4.86
N TYR B 246 -2.52 17.39 4.85
CA TYR B 246 -2.88 18.44 5.78
C TYR B 246 -4.21 18.12 6.44
N VAL B 247 -4.23 18.20 7.77
CA VAL B 247 -5.46 18.15 8.55
C VAL B 247 -5.34 19.17 9.67
N SER B 248 -6.41 19.90 9.93
CA SER B 248 -6.47 20.80 11.07
C SER B 248 -6.91 20.03 12.31
N ASP B 249 -6.35 20.41 13.48
CA ASP B 249 -6.66 19.69 14.71
C ASP B 249 -8.09 19.95 15.19
N HIS B 250 -8.65 21.12 14.89
CA HIS B 250 -10.05 21.43 15.20
C HIS B 250 -10.44 22.70 14.47
N GLY B 251 -11.69 23.11 14.65
CA GLY B 251 -12.24 24.33 14.09
C GLY B 251 -12.13 25.49 15.06
N GLU B 252 -13.06 26.44 14.95
CA GLU B 252 -13.03 27.60 15.82
C GLU B 252 -14.43 28.21 15.88
N SER B 253 -14.77 28.80 17.03
CA SER B 253 -16.01 29.57 17.12
C SER B 253 -15.69 31.06 17.08
N LEU B 254 -16.39 31.76 16.16
CA LEU B 254 -16.15 33.14 15.73
C LEU B 254 -17.40 33.99 15.89
N GLY B 255 -18.05 33.90 17.05
CA GLY B 255 -19.21 34.70 17.35
C GLY B 255 -20.56 34.06 17.11
N GLU B 256 -20.60 32.85 16.57
CA GLU B 256 -21.86 32.15 16.36
C GLU B 256 -22.49 31.84 17.72
N ASN B 257 -23.63 32.47 18.00
CA ASN B 257 -24.31 32.31 19.30
C ASN B 257 -23.41 32.77 20.44
N GLY B 258 -22.68 33.87 20.22
CA GLY B 258 -21.81 34.45 21.23
C GLY B 258 -20.66 33.55 21.61
N VAL B 259 -20.42 32.51 20.82
CA VAL B 259 -19.35 31.56 21.10
C VAL B 259 -18.19 31.90 20.18
N TYR B 260 -17.07 32.18 20.82
CA TYR B 260 -15.82 32.51 20.20
C TYR B 260 -14.88 31.52 20.72
N LEU B 261 -13.74 31.32 20.05
CA LEU B 261 -12.71 30.40 20.51
C LEU B 261 -13.11 28.93 20.38
N HIS B 262 -12.34 28.03 21.00
CA HIS B 262 -12.68 26.62 20.91
C HIS B 262 -12.59 25.94 22.25
N GLY B 263 -12.65 24.63 22.31
CA GLY B 263 -12.48 23.99 23.61
C GLY B 263 -13.71 23.35 24.22
N MET B 264 -14.88 23.44 23.57
CA MET B 264 -16.07 22.92 24.20
C MET B 264 -16.12 21.39 24.11
N PRO B 265 -16.63 20.72 25.14
CA PRO B 265 -16.76 19.25 25.07
C PRO B 265 -17.63 18.82 23.90
N ASN B 266 -17.30 17.66 23.34
CA ASN B 266 -17.87 17.24 22.06
C ASN B 266 -19.39 17.17 22.10
N ALA B 267 -19.98 16.81 23.24
CA ALA B 267 -21.43 16.64 23.29
C ALA B 267 -22.18 17.96 23.19
N PHE B 268 -21.52 19.09 23.41
CA PHE B 268 -22.16 20.39 23.33
C PHE B 268 -21.49 21.33 22.33
N ALA B 269 -20.43 20.90 21.67
CA ALA B 269 -19.69 21.79 20.80
C ALA B 269 -20.51 22.14 19.56
N PRO B 270 -20.47 23.40 19.12
CA PRO B 270 -21.12 23.74 17.86
C PRO B 270 -20.37 23.14 16.68
N LYS B 271 -21.08 23.04 15.55
CA LYS B 271 -20.52 22.40 14.36
C LYS B 271 -19.18 23.01 13.95
N GLU B 272 -19.02 24.32 14.15
CA GLU B 272 -17.85 25.00 13.61
C GLU B 272 -16.55 24.51 14.25
N GLN B 273 -16.60 24.06 15.50
CA GLN B 273 -15.38 23.70 16.21
C GLN B 273 -14.82 22.35 15.80
N ARG B 274 -15.54 21.58 14.99
CA ARG B 274 -15.09 20.24 14.63
C ARG B 274 -14.99 19.99 13.13
N ALA B 275 -15.52 20.89 12.30
CA ALA B 275 -15.39 20.76 10.85
C ALA B 275 -14.04 21.34 10.44
N VAL B 276 -13.16 20.49 9.90
CA VAL B 276 -11.79 20.89 9.59
C VAL B 276 -11.50 20.64 8.11
N PRO B 277 -10.61 21.41 7.51
CA PRO B 277 -10.16 21.08 6.15
C PRO B 277 -9.08 20.00 6.17
N ALA B 278 -8.96 19.34 5.02
CA ALA B 278 -7.93 18.33 4.82
C ALA B 278 -7.53 18.34 3.36
N PHE B 279 -6.23 18.36 3.10
CA PHE B 279 -5.71 18.36 1.73
C PHE B 279 -4.75 17.20 1.56
N PHE B 280 -4.69 16.69 0.33
CA PHE B 280 -3.74 15.63 -0.01
C PHE B 280 -3.18 15.88 -1.39
N TRP B 281 -1.89 16.15 -1.47
CA TRP B 281 -1.20 16.31 -2.74
C TRP B 281 -0.25 15.13 -2.96
N SER B 282 -0.06 14.79 -4.23
CA SER B 282 0.94 13.81 -4.62
C SER B 282 1.41 14.11 -6.03
N ASN B 283 2.71 13.92 -6.27
CA ASN B 283 3.26 14.08 -7.60
C ASN B 283 2.82 12.97 -8.54
N ASN B 284 2.46 11.81 -7.99
CA ASN B 284 2.33 10.59 -8.75
C ASN B 284 0.98 9.95 -8.49
N THR B 285 0.52 9.17 -9.48
CA THR B 285 -0.69 8.37 -9.34
C THR B 285 -0.44 7.08 -8.55
N THR B 286 0.69 7.02 -7.84
CA THR B 286 0.93 5.93 -6.91
C THR B 286 -0.25 5.77 -5.95
N PHE B 287 -0.70 6.88 -5.37
CA PHE B 287 -1.83 6.91 -4.46
C PHE B 287 -2.98 7.67 -5.11
N LYS B 288 -4.16 7.05 -5.13
CA LYS B 288 -5.35 7.67 -5.68
C LYS B 288 -6.28 8.08 -4.54
N PRO B 289 -6.58 9.36 -4.39
CA PRO B 289 -7.33 9.82 -3.21
C PRO B 289 -8.81 9.45 -3.29
N THR B 290 -9.41 9.31 -2.10
CA THR B 290 -10.82 9.00 -2.01
C THR B 290 -11.66 10.17 -2.50
N ALA B 291 -12.95 9.88 -2.73
CA ALA B 291 -13.86 10.89 -3.29
C ALA B 291 -13.95 12.11 -2.40
N SER B 292 -13.98 13.29 -3.03
CA SER B 292 -13.83 14.56 -2.32
C SER B 292 -14.79 14.68 -1.13
N ASP B 293 -16.07 14.37 -1.34
CA ASP B 293 -17.10 14.62 -0.35
C ASP B 293 -17.39 13.41 0.54
N THR B 294 -16.41 12.52 0.72
CA THR B 294 -16.60 11.36 1.57
C THR B 294 -16.65 11.76 3.04
N VAL B 295 -17.59 11.17 3.78
CA VAL B 295 -17.70 11.42 5.21
C VAL B 295 -16.49 10.81 5.89
N LEU B 296 -15.62 11.65 6.45
CA LEU B 296 -14.39 11.21 7.08
C LEU B 296 -14.23 11.85 8.45
N THR B 297 -13.34 11.27 9.25
CA THR B 297 -12.99 11.79 10.57
C THR B 297 -11.48 11.74 10.73
N HIS B 298 -11.01 12.15 11.91
CA HIS B 298 -9.59 12.01 12.21
C HIS B 298 -9.16 10.56 12.20
N ASP B 299 -10.08 9.62 12.43
CA ASP B 299 -9.76 8.20 12.34
C ASP B 299 -9.23 7.81 10.96
N ALA B 300 -9.39 8.68 9.95
CA ALA B 300 -8.87 8.40 8.62
C ALA B 300 -7.38 8.69 8.49
N ILE B 301 -6.76 9.32 9.49
CA ILE B 301 -5.36 9.71 9.38
C ILE B 301 -4.44 8.49 9.56
N THR B 302 -4.66 7.73 10.65
CA THR B 302 -3.77 6.61 10.96
C THR B 302 -3.71 5.58 9.83
N PRO B 303 -4.82 5.12 9.25
CA PRO B 303 -4.69 4.26 8.06
C PRO B 303 -4.01 4.97 6.90
N THR B 304 -4.38 6.22 6.62
CA THR B 304 -3.79 6.96 5.51
C THR B 304 -2.28 6.96 5.57
N LEU B 305 -1.71 7.18 6.75
CA LEU B 305 -0.26 7.14 6.91
C LEU B 305 0.29 5.75 6.57
N LEU B 306 -0.33 4.71 7.14
CA LEU B 306 0.17 3.36 6.92
C LEU B 306 0.14 2.98 5.45
N LYS B 307 -1.00 3.20 4.79
CA LYS B 307 -1.10 2.99 3.35
C LYS B 307 0.01 3.72 2.61
N LEU B 308 0.38 4.92 3.07
CA LEU B 308 1.41 5.69 2.39
C LEU B 308 2.75 4.96 2.39
N PHE B 309 3.06 4.20 3.45
CA PHE B 309 4.33 3.52 3.55
C PHE B 309 4.19 2.01 3.34
N ASP B 310 3.06 1.57 2.78
CA ASP B 310 2.85 0.16 2.42
C ASP B 310 2.93 -0.75 3.64
N VAL B 311 2.27 -0.34 4.72
CA VAL B 311 2.28 -1.08 5.98
C VAL B 311 0.87 -1.62 6.22
N THR B 312 0.78 -2.89 6.62
CA THR B 312 -0.49 -3.56 6.85
C THR B 312 -0.56 -3.96 8.32
N ALA B 313 -1.50 -3.34 9.05
CA ALA B 313 -1.80 -3.69 10.44
C ALA B 313 -3.26 -4.10 10.52
N GLY B 314 -3.53 -5.23 11.18
CA GLY B 314 -4.86 -5.80 11.17
C GLY B 314 -5.91 -4.97 11.88
N LYS B 315 -5.49 -4.01 12.69
CA LYS B 315 -6.46 -3.22 13.45
C LYS B 315 -7.22 -2.23 12.57
N VAL B 316 -6.57 -1.69 11.54
CA VAL B 316 -7.12 -0.56 10.81
C VAL B 316 -7.32 -0.87 9.32
N LYS B 317 -7.43 -2.16 8.97
CA LYS B 317 -7.69 -2.49 7.57
C LYS B 317 -9.12 -2.15 7.18
N ASP B 318 -10.07 -2.23 8.12
CA ASP B 318 -11.46 -1.91 7.85
C ASP B 318 -11.69 -0.41 7.68
N ARG B 319 -10.73 0.43 8.05
CA ARG B 319 -10.95 1.86 8.16
C ARG B 319 -11.02 2.53 6.79
N ALA B 320 -11.72 3.66 6.74
CA ALA B 320 -11.68 4.55 5.59
C ALA B 320 -10.49 5.50 5.73
N ALA B 321 -9.75 5.66 4.64
CA ALA B 321 -8.57 6.52 4.63
C ALA B 321 -8.77 7.64 3.61
N PHE B 322 -7.79 8.53 3.53
CA PHE B 322 -7.83 9.59 2.53
C PHE B 322 -7.37 9.12 1.16
N ILE B 323 -6.83 7.91 1.04
CA ILE B 323 -6.33 7.37 -0.21
C ILE B 323 -6.77 5.93 -0.36
N GLN B 324 -6.68 5.42 -1.59
CA GLN B 324 -7.09 4.05 -1.89
C GLN B 324 -5.88 3.19 -2.25
ZN ZN C . 5.07 -12.94 -2.25
ZN ZN D . -6.08 23.29 18.06
#